data_4ITR
#
_entry.id   4ITR
#
_cell.length_a   63.495
_cell.length_b   90.997
_cell.length_c   190.969
_cell.angle_alpha   90.00
_cell.angle_beta   90.00
_cell.angle_gamma   90.00
#
_symmetry.space_group_name_H-M   'P 21 21 21'
#
loop_
_entity.id
_entity.type
_entity.pdbx_description
1 polymer 'Adenosine monophosphate-protein transferase and cysteine protease IbpA'
2 polymer 'Cell division control protein 42 homolog'
3 non-polymer 'SULFATE ION'
4 non-polymer 'ADENOSINE MONOPHOSPHATE'
5 non-polymer "GUANOSINE-5'-DIPHOSPHATE"
6 non-polymer 'MAGNESIUM ION'
7 water water
#
loop_
_entity_poly.entity_id
_entity_poly.type
_entity_poly.pdbx_seq_one_letter_code
_entity_poly.pdbx_strand_id
1 'polypeptide(L)'
;DETANKVNYQDLEDNLNLKGLISLEDDRNANFESNVLKNEKFLDEAREISKKSIPEATVKQMSHLPEFDDILTEGAKKVE
SRINKAITFRPSVEEFSEIQDLVKTLPKTKVIEDLSTKTNEITEALAATSKTIQRTPELKEQLKTAIEDFLQNSQGKPLT
VQMIENLNHGLRPDEGEGRLLYKKENLTKENAVFSSPEAAKIQLAETVDFINRAKNEGIEPSVVGALVYQRLIAYAPFAE
GNGRMARVIVNKILLDAGYPAFTKFSDEFEPQIIPQTKASTKSATSSEVVVEFLKELAKKGSKEDNEQNLEKTDRT
;
A,B
2 'polypeptide(L)'
;MQTIKCVVVGDGAVGKTCLLISYTTNKFPSEYVPTVFDNYAVTVMIGGEPYTLGLFDTAGQEDYDRLRPLSYPQTDVFLV
CFSVVSPSSFENVKEKWVPEITHHCPKTPFLLVGTQIDLRDDPSTIEKLAKNKQKPITPETAEKLARDLKAVKYVECSAL
TQKGLKNVFDEAILAALEPPEPKKSRRCVLL
;
C,D
#
loop_
_chem_comp.id
_chem_comp.type
_chem_comp.name
_chem_comp.formula
AMP non-polymer 'ADENOSINE MONOPHOSPHATE' 'C10 H14 N5 O7 P'
GDP RNA linking GUANOSINE-5'-DIPHOSPHATE 'C10 H15 N5 O11 P2'
MG non-polymer 'MAGNESIUM ION' 'Mg 2'
SO4 non-polymer 'SULFATE ION' 'O4 S -2'
#
# COMPACT_ATOMS: atom_id res chain seq x y z
N VAL A 7 -25.79 24.35 18.11
CA VAL A 7 -25.48 25.70 17.66
C VAL A 7 -26.30 26.13 16.45
N ASN A 8 -26.97 27.28 16.55
CA ASN A 8 -27.77 27.82 15.47
C ASN A 8 -27.29 29.21 15.01
N TYR A 9 -27.06 29.34 13.71
CA TYR A 9 -26.50 30.57 13.15
C TYR A 9 -27.55 31.33 12.34
N GLN A 10 -28.76 30.78 12.26
CA GLN A 10 -29.81 31.29 11.38
C GLN A 10 -30.14 32.78 11.53
N ASP A 11 -30.00 33.30 12.74
CA ASP A 11 -30.36 34.69 13.00
C ASP A 11 -29.14 35.62 13.12
N LEU A 12 -27.99 35.14 12.64
CA LEU A 12 -26.77 35.94 12.68
C LEU A 12 -26.54 36.67 11.36
N GLU A 13 -25.85 37.81 11.41
CA GLU A 13 -25.48 38.55 10.20
C GLU A 13 -24.36 37.79 9.48
N ASP A 14 -24.49 37.66 8.16
CA ASP A 14 -23.52 36.89 7.38
C ASP A 14 -23.45 37.37 5.94
N ASN A 15 -22.31 37.94 5.56
CA ASN A 15 -22.06 38.30 4.16
C ASN A 15 -20.83 37.59 3.59
N LEU A 16 -20.51 36.44 4.17
CA LEU A 16 -19.37 35.64 3.75
C LEU A 16 -19.84 34.25 3.31
N ASN A 17 -21.16 34.08 3.23
CA ASN A 17 -21.79 32.76 3.09
C ASN A 17 -21.17 31.74 4.04
N LEU A 18 -20.97 32.16 5.29
CA LEU A 18 -20.40 31.29 6.31
C LEU A 18 -21.37 30.14 6.60
N LYS A 19 -22.67 30.43 6.52
CA LYS A 19 -23.70 29.42 6.75
C LYS A 19 -23.64 28.31 5.72
N GLY A 20 -23.36 28.68 4.46
CA GLY A 20 -23.20 27.70 3.40
C GLY A 20 -21.99 26.82 3.65
N LEU A 21 -20.93 27.44 4.17
CA LEU A 21 -19.70 26.74 4.51
C LEU A 21 -19.93 25.75 5.65
N ILE A 22 -20.63 26.20 6.69
CA ILE A 22 -20.98 25.35 7.83
C ILE A 22 -21.85 24.17 7.40
N SER A 23 -22.80 24.43 6.51
CA SER A 23 -23.64 23.38 5.94
C SER A 23 -22.79 22.35 5.18
N LEU A 24 -21.79 22.84 4.46
CA LEU A 24 -20.87 21.99 3.71
C LEU A 24 -20.06 21.12 4.67
N GLU A 25 -19.62 21.72 5.77
CA GLU A 25 -18.83 21.00 6.77
C GLU A 25 -19.68 19.97 7.52
N ASP A 26 -20.94 20.31 7.78
CA ASP A 26 -21.87 19.39 8.42
C ASP A 26 -22.03 18.10 7.63
N ASP A 27 -22.16 18.24 6.31
CA ASP A 27 -22.37 17.10 5.43
C ASP A 27 -21.16 16.18 5.37
N ARG A 28 -19.97 16.77 5.23
CA ARG A 28 -18.73 15.99 5.16
C ARG A 28 -18.47 15.27 6.47
N ASN A 29 -18.63 15.98 7.59
CA ASN A 29 -18.42 15.39 8.90
C ASN A 29 -19.39 14.25 9.17
N ALA A 30 -20.62 14.40 8.68
CA ALA A 30 -21.65 13.38 8.85
C ALA A 30 -21.27 12.10 8.12
N ASN A 31 -20.69 12.24 6.93
CA ASN A 31 -20.32 11.10 6.11
C ASN A 31 -18.88 10.63 6.34
N PHE A 32 -18.19 11.24 7.30
CA PHE A 32 -16.79 10.93 7.58
C PHE A 32 -16.57 9.48 8.01
N GLU A 33 -17.46 8.97 8.85
CA GLU A 33 -17.37 7.59 9.32
C GLU A 33 -17.49 6.61 8.16
N SER A 34 -18.47 6.85 7.30
CA SER A 34 -18.70 6.00 6.14
C SER A 34 -17.58 6.10 5.11
N ASN A 35 -17.14 7.34 4.84
CA ASN A 35 -16.14 7.58 3.81
C ASN A 35 -14.70 7.25 4.21
N VAL A 36 -14.40 7.32 5.50
CA VAL A 36 -13.03 7.11 5.97
C VAL A 36 -12.90 5.92 6.92
N LEU A 37 -13.58 6.00 8.06
CA LEU A 37 -13.45 4.99 9.12
C LEU A 37 -13.92 3.60 8.67
N LYS A 38 -14.90 3.56 7.78
CA LYS A 38 -15.44 2.30 7.28
C LYS A 38 -14.99 1.98 5.87
N ASN A 39 -14.13 2.81 5.31
CA ASN A 39 -13.55 2.53 4.00
C ASN A 39 -12.61 1.34 4.07
N GLU A 40 -12.87 0.33 3.26
CA GLU A 40 -12.13 -0.94 3.35
C GLU A 40 -10.65 -0.84 3.02
N LYS A 41 -10.27 0.05 2.10
CA LYS A 41 -8.86 0.26 1.79
C LYS A 41 -8.13 0.84 3.00
N PHE A 42 -8.77 1.80 3.67
CA PHE A 42 -8.21 2.37 4.89
C PHE A 42 -8.08 1.28 5.95
N LEU A 43 -9.11 0.45 6.07
CA LEU A 43 -9.11 -0.63 7.05
C LEU A 43 -8.02 -1.66 6.75
N ASP A 44 -7.94 -2.10 5.51
CA ASP A 44 -6.90 -3.04 5.08
C ASP A 44 -5.51 -2.47 5.36
N GLU A 45 -5.34 -1.18 5.12
CA GLU A 45 -4.08 -0.50 5.39
C GLU A 45 -3.76 -0.58 6.88
N ALA A 46 -4.76 -0.35 7.71
CA ALA A 46 -4.60 -0.43 9.15
C ALA A 46 -4.33 -1.86 9.60
N ARG A 47 -5.08 -2.80 9.03
CA ARG A 47 -4.90 -4.22 9.33
C ARG A 47 -3.47 -4.69 9.04
N GLU A 48 -2.93 -4.29 7.89
CA GLU A 48 -1.58 -4.70 7.51
C GLU A 48 -0.53 -4.06 8.42
N ILE A 49 -0.69 -2.77 8.70
CA ILE A 49 0.21 -2.05 9.59
C ILE A 49 0.27 -2.71 10.96
N SER A 50 -0.89 -3.03 11.51
CA SER A 50 -0.98 -3.61 12.85
C SER A 50 -0.36 -5.01 12.96
N LYS A 51 -0.52 -5.81 11.92
CA LYS A 51 -0.06 -7.20 11.93
C LYS A 51 1.44 -7.36 11.81
N LYS A 52 2.11 -6.37 11.23
CA LYS A 52 3.55 -6.43 10.96
C LYS A 52 4.37 -6.78 12.21
N SER A 53 3.97 -6.21 13.34
CA SER A 53 4.69 -6.39 14.58
C SER A 53 4.25 -7.64 15.36
N ILE A 54 3.06 -8.13 15.05
CA ILE A 54 2.50 -9.28 15.75
C ILE A 54 3.11 -10.59 15.27
N PRO A 55 3.63 -11.39 16.21
CA PRO A 55 4.18 -12.71 15.87
C PRO A 55 3.12 -13.59 15.20
N GLU A 56 3.58 -14.42 14.27
CA GLU A 56 2.74 -15.27 13.44
C GLU A 56 1.77 -16.13 14.25
N ALA A 57 2.28 -16.74 15.32
CA ALA A 57 1.47 -17.61 16.17
C ALA A 57 0.39 -16.84 16.94
N THR A 58 0.72 -15.64 17.38
CA THR A 58 -0.25 -14.79 18.09
C THR A 58 -1.38 -14.36 17.16
N VAL A 59 -1.03 -14.01 15.93
CA VAL A 59 -2.01 -13.68 14.90
C VAL A 59 -3.02 -14.81 14.73
N LYS A 60 -2.51 -16.04 14.70
CA LYS A 60 -3.35 -17.22 14.49
C LYS A 60 -4.27 -17.50 15.68
N GLN A 61 -3.79 -17.22 16.89
CA GLN A 61 -4.59 -17.43 18.09
C GLN A 61 -5.62 -16.32 18.25
N MET A 62 -5.31 -15.15 17.70
CA MET A 62 -6.22 -14.01 17.73
C MET A 62 -7.28 -14.12 16.63
N SER A 63 -6.98 -14.90 15.59
CA SER A 63 -7.84 -14.99 14.41
C SER A 63 -9.22 -15.59 14.68
N HIS A 64 -9.36 -16.26 15.83
CA HIS A 64 -10.63 -16.88 16.19
C HIS A 64 -11.52 -15.92 16.99
N LEU A 65 -10.93 -14.80 17.43
CA LEU A 65 -11.64 -13.82 18.26
C LEU A 65 -12.45 -12.82 17.43
N PRO A 66 -13.76 -12.73 17.72
CA PRO A 66 -14.68 -11.76 17.07
C PRO A 66 -14.18 -10.32 17.11
N GLU A 67 -13.40 -9.97 18.13
CA GLU A 67 -12.96 -8.59 18.33
C GLU A 67 -11.60 -8.29 17.71
N PHE A 68 -11.02 -9.29 17.04
CA PHE A 68 -9.67 -9.14 16.48
C PHE A 68 -9.55 -7.97 15.51
N ASP A 69 -10.51 -7.85 14.59
CA ASP A 69 -10.47 -6.80 13.58
C ASP A 69 -10.47 -5.41 14.21
N ASP A 70 -11.31 -5.23 15.23
CA ASP A 70 -11.40 -3.94 15.92
C ASP A 70 -10.11 -3.58 16.65
N ILE A 71 -9.46 -4.56 17.26
CA ILE A 71 -8.16 -4.36 17.91
C ILE A 71 -7.14 -3.90 16.87
N LEU A 72 -7.22 -4.50 15.69
CA LEU A 72 -6.34 -4.16 14.57
C LEU A 72 -6.53 -2.71 14.10
N THR A 73 -7.76 -2.22 14.17
CA THR A 73 -8.11 -0.96 13.49
C THR A 73 -8.47 0.22 14.40
N GLU A 74 -8.80 -0.04 15.67
CA GLU A 74 -9.30 1.00 16.57
C GLU A 74 -8.34 2.19 16.73
N GLY A 75 -7.06 1.90 16.88
CA GLY A 75 -6.05 2.93 17.05
C GLY A 75 -5.96 3.86 15.85
N ALA A 76 -5.95 3.28 14.67
CA ALA A 76 -5.86 4.05 13.42
C ALA A 76 -7.10 4.93 13.24
N LYS A 77 -8.27 4.39 13.59
CA LYS A 77 -9.52 5.12 13.46
C LYS A 77 -9.59 6.30 14.43
N LYS A 78 -9.09 6.10 15.65
CA LYS A 78 -9.08 7.17 16.64
C LYS A 78 -8.18 8.32 16.22
N VAL A 79 -7.11 8.02 15.49
CA VAL A 79 -6.22 9.06 14.99
C VAL A 79 -6.91 9.91 13.92
N GLU A 80 -7.55 9.25 12.96
CA GLU A 80 -8.28 9.97 11.92
C GLU A 80 -9.41 10.80 12.51
N SER A 81 -10.09 10.23 13.51
CA SER A 81 -11.18 10.93 14.18
C SER A 81 -10.70 12.17 14.93
N ARG A 82 -9.54 12.06 15.59
CA ARG A 82 -8.98 13.20 16.31
C ARG A 82 -8.61 14.32 15.33
N ILE A 83 -8.06 13.92 14.19
CA ILE A 83 -7.71 14.87 13.14
C ILE A 83 -8.96 15.55 12.57
N ASN A 84 -9.99 14.75 12.27
CA ASN A 84 -11.23 15.27 11.72
C ASN A 84 -11.88 16.26 12.68
N LYS A 85 -11.81 15.95 13.97
CA LYS A 85 -12.34 16.83 15.01
C LYS A 85 -11.60 18.16 15.02
N ALA A 86 -10.29 18.11 14.83
CA ALA A 86 -9.46 19.31 14.86
C ALA A 86 -9.75 20.26 13.70
N ILE A 87 -10.01 19.69 12.53
CA ILE A 87 -10.19 20.49 11.31
C ILE A 87 -11.64 20.86 11.01
N THR A 88 -12.59 20.10 11.55
CA THR A 88 -14.01 20.35 11.26
C THR A 88 -14.50 21.69 11.78
N PHE A 89 -15.00 22.52 10.88
CA PHE A 89 -15.41 23.89 11.21
C PHE A 89 -16.83 23.95 11.78
N ARG A 90 -16.91 24.20 13.08
CA ARG A 90 -18.19 24.42 13.74
C ARG A 90 -18.00 25.50 14.81
N PRO A 91 -18.07 26.78 14.40
CA PRO A 91 -17.77 27.88 15.32
C PRO A 91 -18.89 28.18 16.29
N SER A 92 -18.56 28.81 17.41
CA SER A 92 -19.56 29.33 18.33
C SER A 92 -20.15 30.60 17.73
N VAL A 93 -21.33 30.99 18.21
CA VAL A 93 -21.98 32.23 17.80
C VAL A 93 -21.02 33.41 17.81
N GLU A 94 -20.26 33.53 18.90
CA GLU A 94 -19.29 34.62 19.07
C GLU A 94 -18.21 34.59 18.01
N GLU A 95 -17.68 33.40 17.74
CA GLU A 95 -16.64 33.22 16.72
C GLU A 95 -17.17 33.52 15.32
N PHE A 96 -18.40 33.07 15.04
CA PHE A 96 -19.07 33.37 13.77
C PHE A 96 -19.03 34.87 13.54
N SER A 97 -19.39 35.63 14.57
CA SER A 97 -19.45 37.08 14.50
C SER A 97 -18.06 37.72 14.39
N GLU A 98 -17.09 37.21 15.14
CA GLU A 98 -15.74 37.76 15.09
C GLU A 98 -15.13 37.57 13.71
N ILE A 99 -15.40 36.43 13.09
CA ILE A 99 -14.92 36.15 11.74
C ILE A 99 -15.51 37.15 10.76
N GLN A 100 -16.80 37.45 10.91
CA GLN A 100 -17.47 38.46 10.10
C GLN A 100 -16.74 39.79 10.17
N ASP A 101 -16.42 40.21 11.38
CA ASP A 101 -15.74 41.47 11.62
C ASP A 101 -14.29 41.46 11.13
N LEU A 102 -13.56 40.39 11.46
CA LEU A 102 -12.14 40.26 11.11
C LEU A 102 -11.86 40.34 9.61
N VAL A 103 -12.77 39.81 8.80
CA VAL A 103 -12.59 39.78 7.36
C VAL A 103 -12.63 41.18 6.73
N LYS A 104 -13.48 42.06 7.27
CA LYS A 104 -13.57 43.44 6.80
C LYS A 104 -12.27 44.19 6.96
N THR A 105 -11.42 43.71 7.86
CA THR A 105 -10.15 44.37 8.19
C THR A 105 -8.99 43.93 7.29
N LEU A 106 -9.22 42.88 6.51
CA LEU A 106 -8.18 42.31 5.65
C LEU A 106 -7.72 43.28 4.57
N PRO A 107 -6.39 43.39 4.38
CA PRO A 107 -5.87 44.14 3.23
C PRO A 107 -6.37 43.47 1.96
N LYS A 108 -6.99 44.23 1.07
CA LYS A 108 -7.60 43.64 -0.11
C LYS A 108 -7.52 44.59 -1.30
N THR A 109 -6.91 44.12 -2.37
CA THR A 109 -6.81 44.91 -3.58
C THR A 109 -7.90 44.53 -4.58
N LYS A 110 -8.27 45.49 -5.42
CA LYS A 110 -9.31 45.30 -6.42
C LYS A 110 -8.67 45.13 -7.79
N VAL A 111 -7.51 45.75 -7.98
CA VAL A 111 -6.73 45.56 -9.20
C VAL A 111 -6.23 44.11 -9.27
N ILE A 112 -6.57 43.43 -10.37
CA ILE A 112 -6.22 42.03 -10.53
C ILE A 112 -4.76 41.87 -10.94
N GLU A 113 -3.99 41.19 -10.11
CA GLU A 113 -2.60 40.90 -10.42
C GLU A 113 -2.56 39.88 -11.54
N ASP A 114 -1.52 39.93 -12.36
CA ASP A 114 -1.37 38.95 -13.42
C ASP A 114 -0.60 37.73 -12.92
N LEU A 115 -0.37 36.77 -13.82
CA LEU A 115 0.17 35.48 -13.41
C LEU A 115 1.59 35.57 -12.84
N SER A 116 2.46 36.32 -13.51
CA SER A 116 3.84 36.48 -13.05
C SER A 116 3.90 37.20 -11.72
N THR A 117 2.99 38.15 -11.51
CA THR A 117 2.94 38.89 -10.25
C THR A 117 2.50 37.98 -9.11
N LYS A 118 1.45 37.20 -9.35
CA LYS A 118 0.99 36.22 -8.35
C LYS A 118 2.08 35.20 -8.07
N THR A 119 2.73 34.72 -9.13
CA THR A 119 3.82 33.75 -9.01
C THR A 119 4.92 34.26 -8.10
N ASN A 120 5.32 35.52 -8.32
CA ASN A 120 6.37 36.14 -7.51
C ASN A 120 5.97 36.31 -6.06
N GLU A 121 4.71 36.68 -5.82
CA GLU A 121 4.22 36.92 -4.46
C GLU A 121 4.17 35.62 -3.68
N ILE A 122 3.78 34.54 -4.36
CA ILE A 122 3.71 33.22 -3.74
C ILE A 122 5.10 32.64 -3.48
N THR A 123 6.03 32.93 -4.39
CA THR A 123 7.41 32.48 -4.23
C THR A 123 8.08 33.17 -3.05
N GLU A 124 7.90 34.48 -2.94
CA GLU A 124 8.46 35.26 -1.83
C GLU A 124 7.88 34.81 -0.50
N ALA A 125 6.61 34.45 -0.50
CA ALA A 125 5.95 33.95 0.71
C ALA A 125 6.62 32.66 1.19
N LEU A 126 6.87 31.76 0.24
CA LEU A 126 7.56 30.51 0.53
C LEU A 126 8.95 30.79 1.10
N ALA A 127 9.67 31.72 0.47
CA ALA A 127 11.02 32.06 0.88
C ALA A 127 11.08 32.74 2.24
N ALA A 128 10.03 33.47 2.58
CA ALA A 128 10.01 34.27 3.81
C ALA A 128 10.25 33.47 5.09
N THR A 129 9.87 32.19 5.06
CA THR A 129 10.04 31.32 6.22
C THR A 129 11.07 30.23 5.98
N SER A 130 11.90 30.40 4.95
CA SER A 130 12.88 29.38 4.57
C SER A 130 14.27 29.94 4.30
N LYS A 131 15.20 29.69 5.21
CA LYS A 131 16.59 30.10 5.04
C LYS A 131 17.21 29.44 3.81
N THR A 132 16.86 28.17 3.59
CA THR A 132 17.38 27.41 2.46
C THR A 132 17.02 28.06 1.12
N ILE A 133 15.74 28.41 0.96
CA ILE A 133 15.27 29.05 -0.26
C ILE A 133 15.93 30.41 -0.46
N GLN A 134 16.12 31.15 0.62
CA GLN A 134 16.75 32.46 0.57
C GLN A 134 18.21 32.40 0.11
N ARG A 135 18.93 31.39 0.57
CA ARG A 135 20.36 31.27 0.27
C ARG A 135 20.65 30.51 -1.03
N THR A 136 19.60 29.95 -1.64
CA THR A 136 19.79 29.09 -2.81
C THR A 136 18.88 29.49 -3.98
N PRO A 137 19.38 30.41 -4.83
CA PRO A 137 18.66 30.96 -5.99
C PRO A 137 18.22 29.87 -6.98
N GLU A 138 19.03 28.85 -7.16
CA GLU A 138 18.66 27.73 -8.04
C GLU A 138 17.38 27.07 -7.55
N LEU A 139 17.29 26.88 -6.23
CA LEU A 139 16.12 26.26 -5.62
C LEU A 139 14.90 27.17 -5.70
N LYS A 140 15.09 28.45 -5.36
CA LYS A 140 14.01 29.43 -5.41
C LYS A 140 13.45 29.56 -6.82
N GLU A 141 14.33 29.51 -7.82
CA GLU A 141 13.91 29.65 -9.20
C GLU A 141 13.12 28.43 -9.69
N GLN A 142 13.52 27.26 -9.21
CA GLN A 142 12.82 26.00 -9.53
C GLN A 142 11.41 26.00 -8.97
N LEU A 143 11.28 26.41 -7.72
CA LEU A 143 9.97 26.47 -7.06
C LEU A 143 9.07 27.48 -7.74
N LYS A 144 9.68 28.58 -8.18
CA LYS A 144 8.96 29.64 -8.89
C LYS A 144 8.35 29.10 -10.18
N THR A 145 9.12 28.27 -10.89
CA THR A 145 8.65 27.63 -12.11
C THR A 145 7.46 26.73 -11.82
N ALA A 146 7.57 25.94 -10.77
CA ALA A 146 6.51 25.03 -10.35
C ALA A 146 5.23 25.79 -10.03
N ILE A 147 5.36 26.88 -9.29
CA ILE A 147 4.23 27.73 -8.92
C ILE A 147 3.57 28.32 -10.18
N GLU A 148 4.40 28.82 -11.08
CA GLU A 148 3.92 29.41 -12.34
C GLU A 148 3.15 28.38 -13.16
N ASP A 149 3.66 27.16 -13.22
CA ASP A 149 3.00 26.09 -13.95
C ASP A 149 1.64 25.73 -13.33
N PHE A 150 1.60 25.60 -12.01
CA PHE A 150 0.35 25.27 -11.32
C PHE A 150 -0.68 26.38 -11.48
N LEU A 151 -0.25 27.63 -11.30
CA LEU A 151 -1.14 28.77 -11.45
C LEU A 151 -1.72 28.84 -12.86
N GLN A 152 -0.91 28.49 -13.85
CA GLN A 152 -1.35 28.59 -15.24
C GLN A 152 -2.25 27.42 -15.66
N ASN A 153 -2.10 26.28 -14.99
CA ASN A 153 -2.91 25.11 -15.29
C ASN A 153 -4.27 25.12 -14.57
N SER A 154 -4.29 25.68 -13.36
CA SER A 154 -5.50 25.72 -12.55
C SER A 154 -6.32 26.98 -12.81
N GLN A 155 -5.74 27.91 -13.57
CA GLN A 155 -6.36 29.18 -13.90
C GLN A 155 -7.69 29.00 -14.65
N GLY A 156 -8.78 29.44 -14.03
CA GLY A 156 -10.09 29.39 -14.66
C GLY A 156 -10.70 28.00 -14.74
N LYS A 157 -10.09 27.04 -14.05
CA LYS A 157 -10.55 25.65 -14.10
C LYS A 157 -10.90 25.13 -12.70
N PRO A 158 -11.68 24.05 -12.64
CA PRO A 158 -11.84 23.36 -11.35
C PRO A 158 -10.52 22.71 -10.94
N LEU A 159 -10.19 22.79 -9.66
CA LEU A 159 -9.00 22.12 -9.13
C LEU A 159 -9.14 20.62 -9.31
N THR A 160 -8.04 19.95 -9.61
CA THR A 160 -8.03 18.49 -9.63
C THR A 160 -6.89 17.96 -8.78
N VAL A 161 -7.02 16.72 -8.34
CA VAL A 161 -5.95 16.05 -7.59
C VAL A 161 -4.70 15.95 -8.44
N GLN A 162 -4.87 15.75 -9.75
CA GLN A 162 -3.75 15.66 -10.69
C GLN A 162 -2.91 16.93 -10.71
N MET A 163 -3.57 18.08 -10.72
CA MET A 163 -2.88 19.37 -10.64
C MET A 163 -2.02 19.43 -9.38
N ILE A 164 -2.57 18.94 -8.29
CA ILE A 164 -1.88 18.95 -6.99
C ILE A 164 -0.67 18.03 -6.99
N GLU A 165 -0.85 16.84 -7.59
CA GLU A 165 0.24 15.88 -7.73
C GLU A 165 1.41 16.49 -8.50
N ASN A 166 1.09 17.25 -9.55
CA ASN A 166 2.11 17.90 -10.37
C ASN A 166 2.77 19.06 -9.63
N LEU A 167 1.97 19.81 -8.89
CA LEU A 167 2.49 20.91 -8.06
C LEU A 167 3.46 20.37 -7.01
N ASN A 168 3.04 19.34 -6.29
CA ASN A 168 3.88 18.72 -5.28
C ASN A 168 5.21 18.21 -5.86
N HIS A 169 5.15 17.60 -7.04
CA HIS A 169 6.37 17.11 -7.69
C HIS A 169 7.27 18.28 -8.06
N GLY A 170 6.67 19.36 -8.57
CA GLY A 170 7.41 20.55 -8.91
C GLY A 170 8.07 21.20 -7.71
N LEU A 171 7.45 21.01 -6.54
CA LEU A 171 7.96 21.63 -5.32
C LEU A 171 8.98 20.72 -4.61
N ARG A 172 9.38 19.63 -5.27
CA ARG A 172 10.37 18.72 -4.73
C ARG A 172 11.52 18.47 -5.72
N PRO A 173 12.27 19.53 -6.08
CA PRO A 173 13.25 19.44 -7.18
C PRO A 173 14.58 18.80 -6.79
N ASP A 174 14.95 18.83 -5.51
CA ASP A 174 16.25 18.35 -5.06
C ASP A 174 16.22 16.87 -4.67
N GLU A 175 15.28 16.10 -5.23
CA GLU A 175 14.96 14.78 -4.70
C GLU A 175 15.73 13.59 -5.31
N GLY A 176 15.97 13.64 -6.62
CA GLY A 176 16.50 12.49 -7.32
C GLY A 176 15.39 11.77 -8.05
N GLU A 177 15.73 10.74 -8.82
CA GLU A 177 14.75 10.02 -9.61
C GLU A 177 14.15 8.84 -8.87
N GLY A 178 12.95 8.43 -9.26
CA GLY A 178 12.33 7.22 -8.73
C GLY A 178 11.71 7.33 -7.35
N ARG A 179 11.61 8.55 -6.83
CA ARG A 179 10.99 8.76 -5.52
C ARG A 179 9.48 8.55 -5.61
N LEU A 180 8.90 8.02 -4.53
CA LEU A 180 7.45 7.89 -4.44
C LEU A 180 6.83 9.27 -4.27
N LEU A 181 5.71 9.52 -4.94
CA LEU A 181 5.02 10.80 -4.79
C LEU A 181 4.31 10.86 -3.44
N TYR A 182 3.43 9.90 -3.20
CA TYR A 182 2.72 9.80 -1.93
C TYR A 182 3.57 9.09 -0.89
N LYS A 183 3.34 9.39 0.37
CA LYS A 183 4.01 8.67 1.46
C LYS A 183 3.49 7.24 1.51
N LYS A 184 4.36 6.31 1.84
CA LYS A 184 3.99 4.89 1.82
C LYS A 184 3.69 4.36 3.21
N GLU A 185 3.87 5.20 4.23
CA GLU A 185 3.69 4.79 5.61
C GLU A 185 3.33 5.98 6.48
N ASN A 186 2.90 5.71 7.71
CA ASN A 186 2.68 6.77 8.67
C ASN A 186 3.99 7.47 8.99
N LEU A 187 4.04 8.77 8.71
CA LEU A 187 5.24 9.56 8.93
C LEU A 187 5.00 10.65 9.95
N THR A 188 6.06 11.13 10.58
CA THR A 188 5.95 12.25 11.50
C THR A 188 7.24 13.05 11.59
N LYS A 189 7.11 14.28 12.06
CA LYS A 189 8.26 15.12 12.39
C LYS A 189 7.78 16.16 13.38
N GLU A 190 8.65 16.51 14.32
CA GLU A 190 8.38 17.59 15.27
C GLU A 190 7.07 17.38 16.04
N ASN A 191 6.86 16.15 16.50
CA ASN A 191 5.69 15.77 17.31
C ASN A 191 4.35 15.87 16.59
N ALA A 192 4.38 15.97 15.27
CA ALA A 192 3.14 16.13 14.50
C ALA A 192 2.37 14.82 14.34
N VAL A 193 1.04 14.93 14.30
CA VAL A 193 0.18 13.79 13.98
C VAL A 193 -0.46 14.05 12.63
N PHE A 194 -0.12 13.21 11.65
CA PHE A 194 -0.70 13.34 10.32
C PHE A 194 -1.63 12.17 10.03
N SER A 195 -2.40 12.27 8.94
CA SER A 195 -3.27 11.18 8.53
C SER A 195 -2.46 10.01 7.97
N SER A 196 -3.08 8.83 7.97
CA SER A 196 -2.47 7.66 7.33
C SER A 196 -2.47 7.90 5.82
N PRO A 197 -1.62 7.17 5.08
CA PRO A 197 -1.53 7.36 3.63
C PRO A 197 -2.88 7.27 2.90
N GLU A 198 -3.69 6.25 3.20
CA GLU A 198 -4.96 6.09 2.52
C GLU A 198 -5.99 7.14 2.94
N ALA A 199 -6.02 7.45 4.23
CA ALA A 199 -6.92 8.48 4.73
C ALA A 199 -6.59 9.83 4.14
N ALA A 200 -5.30 10.09 3.97
CA ALA A 200 -4.82 11.36 3.43
C ALA A 200 -5.22 11.53 1.97
N LYS A 201 -5.19 10.43 1.22
CA LYS A 201 -5.60 10.45 -0.19
C LYS A 201 -7.09 10.71 -0.33
N ILE A 202 -7.89 9.96 0.43
CA ILE A 202 -9.35 10.10 0.43
C ILE A 202 -9.77 11.54 0.70
N GLN A 203 -9.17 12.14 1.71
CA GLN A 203 -9.57 13.48 2.14
C GLN A 203 -8.87 14.58 1.35
N LEU A 204 -7.78 14.23 0.66
CA LEU A 204 -7.19 15.14 -0.31
C LEU A 204 -8.22 15.40 -1.40
N ALA A 205 -8.86 14.33 -1.84
CA ALA A 205 -9.91 14.40 -2.84
C ALA A 205 -11.10 15.24 -2.36
N GLU A 206 -11.45 15.08 -1.09
CA GLU A 206 -12.57 15.82 -0.51
C GLU A 206 -12.25 17.31 -0.37
N THR A 207 -10.98 17.61 -0.09
CA THR A 207 -10.53 18.99 0.03
C THR A 207 -10.59 19.70 -1.33
N VAL A 208 -10.32 18.95 -2.39
CA VAL A 208 -10.41 19.48 -3.75
C VAL A 208 -11.85 19.83 -4.11
N ASP A 209 -12.76 18.88 -3.88
CA ASP A 209 -14.18 19.12 -4.08
C ASP A 209 -14.63 20.32 -3.26
N PHE A 210 -14.15 20.40 -2.03
CA PHE A 210 -14.49 21.49 -1.12
C PHE A 210 -14.05 22.83 -1.67
N ILE A 211 -12.80 22.90 -2.15
CA ILE A 211 -12.27 24.13 -2.73
C ILE A 211 -13.11 24.59 -3.91
N ASN A 212 -13.46 23.65 -4.78
CA ASN A 212 -14.28 23.96 -5.95
C ASN A 212 -15.71 24.35 -5.58
N ARG A 213 -16.31 23.59 -4.66
CA ARG A 213 -17.66 23.90 -4.20
C ARG A 213 -17.75 25.27 -3.52
N ALA A 214 -16.79 25.56 -2.66
CA ALA A 214 -16.78 26.81 -1.91
C ALA A 214 -16.73 28.02 -2.84
N LYS A 215 -15.96 27.90 -3.90
CA LYS A 215 -15.82 28.96 -4.89
C LYS A 215 -17.13 29.17 -5.65
N ASN A 216 -17.76 28.07 -6.05
CA ASN A 216 -19.04 28.13 -6.75
C ASN A 216 -20.17 28.71 -5.90
N GLU A 217 -20.11 28.49 -4.59
CA GLU A 217 -21.15 28.97 -3.68
C GLU A 217 -20.84 30.36 -3.13
N GLY A 218 -19.75 30.95 -3.63
CA GLY A 218 -19.37 32.29 -3.21
C GLY A 218 -18.93 32.41 -1.76
N ILE A 219 -18.31 31.36 -1.25
CA ILE A 219 -17.84 31.34 0.14
C ILE A 219 -16.55 32.15 0.29
N GLU A 220 -16.53 33.04 1.28
CA GLU A 220 -15.37 33.90 1.57
C GLU A 220 -14.03 33.17 1.49
N PRO A 221 -13.22 33.54 0.48
CA PRO A 221 -11.94 32.87 0.19
C PRO A 221 -10.92 32.93 1.32
N SER A 222 -10.94 33.98 2.13
CA SER A 222 -9.99 34.10 3.24
C SER A 222 -10.24 33.00 4.28
N VAL A 223 -11.51 32.64 4.44
CA VAL A 223 -11.89 31.58 5.36
C VAL A 223 -11.67 30.20 4.73
N VAL A 224 -11.95 30.10 3.44
CA VAL A 224 -11.66 28.87 2.68
C VAL A 224 -10.16 28.57 2.80
N GLY A 225 -9.34 29.59 2.57
CA GLY A 225 -7.90 29.46 2.65
C GLY A 225 -7.42 28.96 4.01
N ALA A 226 -7.99 29.50 5.07
CA ALA A 226 -7.64 29.10 6.44
C ALA A 226 -7.89 27.62 6.65
N LEU A 227 -9.09 27.17 6.33
CA LEU A 227 -9.48 25.77 6.49
C LEU A 227 -8.64 24.83 5.63
N VAL A 228 -8.35 25.24 4.39
CA VAL A 228 -7.55 24.45 3.47
C VAL A 228 -6.11 24.31 3.99
N TYR A 229 -5.59 25.41 4.53
CA TYR A 229 -4.25 25.42 5.11
C TYR A 229 -4.15 24.38 6.22
N GLN A 230 -5.13 24.37 7.11
CA GLN A 230 -5.10 23.45 8.24
C GLN A 230 -5.22 21.99 7.83
N ARG A 231 -6.20 21.67 6.98
CA ARG A 231 -6.48 20.26 6.67
C ARG A 231 -5.48 19.63 5.71
N LEU A 232 -5.02 20.38 4.71
CA LEU A 232 -4.00 19.86 3.80
C LEU A 232 -2.72 19.49 4.55
N ILE A 233 -2.37 20.30 5.53
CA ILE A 233 -1.20 20.04 6.37
C ILE A 233 -1.46 18.86 7.31
N ALA A 234 -2.68 18.80 7.86
CA ALA A 234 -3.07 17.71 8.74
C ALA A 234 -3.07 16.37 8.01
N TYR A 235 -3.50 16.38 6.75
CA TYR A 235 -3.57 15.17 5.95
C TYR A 235 -2.18 14.76 5.46
N ALA A 236 -1.44 15.70 4.89
CA ALA A 236 -0.07 15.48 4.41
C ALA A 236 0.12 14.20 3.60
N PRO A 237 -0.56 14.10 2.45
CA PRO A 237 -0.61 12.84 1.70
C PRO A 237 0.72 12.46 1.06
N PHE A 238 1.53 13.47 0.73
CA PHE A 238 2.75 13.23 -0.03
C PHE A 238 3.95 12.92 0.87
N ALA A 239 4.95 12.25 0.30
CA ALA A 239 6.15 11.89 1.04
C ALA A 239 6.91 13.12 1.51
N GLU A 240 6.78 14.19 0.72
CA GLU A 240 7.52 15.42 0.97
C GLU A 240 6.76 16.63 0.42
N GLY A 241 7.13 17.82 0.89
CA GLY A 241 6.63 19.06 0.32
C GLY A 241 5.17 19.37 0.56
N ASN A 242 4.59 18.77 1.61
CA ASN A 242 3.19 19.01 1.94
C ASN A 242 2.95 20.45 2.39
N GLY A 243 3.92 21.01 3.11
CA GLY A 243 3.83 22.38 3.59
C GLY A 243 3.89 23.41 2.49
N ARG A 244 4.84 23.23 1.57
CA ARG A 244 4.97 24.11 0.42
C ARG A 244 3.72 24.03 -0.46
N MET A 245 3.27 22.81 -0.72
CA MET A 245 2.10 22.58 -1.55
C MET A 245 0.84 23.24 -0.97
N ALA A 246 0.66 23.11 0.33
CA ALA A 246 -0.49 23.68 1.01
C ALA A 246 -0.51 25.20 0.90
N ARG A 247 0.67 25.80 1.07
CA ARG A 247 0.79 27.25 1.03
C ARG A 247 0.57 27.84 -0.37
N VAL A 248 0.97 27.10 -1.40
CA VAL A 248 0.76 27.53 -2.78
C VAL A 248 -0.73 27.52 -3.13
N ILE A 249 -1.41 26.42 -2.81
CA ILE A 249 -2.84 26.29 -3.06
C ILE A 249 -3.63 27.34 -2.27
N VAL A 250 -3.30 27.47 -0.99
CA VAL A 250 -3.95 28.47 -0.13
C VAL A 250 -3.76 29.88 -0.67
N ASN A 251 -2.52 30.20 -1.06
CA ASN A 251 -2.22 31.54 -1.56
C ASN A 251 -2.79 31.82 -2.96
N LYS A 252 -3.03 30.77 -3.75
CA LYS A 252 -3.76 30.97 -5.00
C LYS A 252 -5.17 31.45 -4.65
N ILE A 253 -5.79 30.79 -3.69
CA ILE A 253 -7.12 31.16 -3.22
C ILE A 253 -7.15 32.61 -2.70
N LEU A 254 -6.14 32.98 -1.93
CA LEU A 254 -6.08 34.32 -1.33
C LEU A 254 -5.78 35.42 -2.35
N LEU A 255 -4.75 35.21 -3.17
CA LEU A 255 -4.36 36.21 -4.16
C LEU A 255 -5.41 36.41 -5.25
N ASP A 256 -6.13 35.33 -5.58
CA ASP A 256 -7.23 35.42 -6.55
C ASP A 256 -8.34 36.34 -6.02
N ALA A 257 -8.45 36.42 -4.70
CA ALA A 257 -9.46 37.25 -4.06
C ALA A 257 -8.94 38.64 -3.74
N GLY A 258 -7.66 38.87 -4.02
CA GLY A 258 -7.06 40.17 -3.77
C GLY A 258 -6.43 40.30 -2.39
N TYR A 259 -6.36 39.18 -1.67
CA TYR A 259 -5.78 39.14 -0.34
C TYR A 259 -4.26 38.96 -0.40
N PRO A 260 -3.55 39.32 0.68
CA PRO A 260 -2.10 39.12 0.72
C PRO A 260 -1.74 37.64 0.90
N ALA A 261 -0.50 37.28 0.65
CA ALA A 261 -0.05 35.91 0.82
C ALA A 261 0.11 35.56 2.30
N PHE A 262 -0.27 34.34 2.67
CA PHE A 262 -0.06 33.84 4.02
C PHE A 262 1.29 33.12 4.05
N THR A 263 1.96 33.14 5.20
CA THR A 263 3.20 32.40 5.34
C THR A 263 3.01 31.26 6.34
N LYS A 264 3.33 31.50 7.59
CA LYS A 264 3.09 30.52 8.64
C LYS A 264 2.41 31.19 9.83
N PHE A 265 2.03 30.38 10.81
CA PHE A 265 1.60 30.91 12.10
C PHE A 265 2.85 31.20 12.92
N SER A 266 2.68 31.73 14.12
CA SER A 266 3.80 31.91 15.03
C SER A 266 4.34 30.55 15.45
N ASP A 267 5.57 30.53 15.97
CA ASP A 267 6.18 29.29 16.45
C ASP A 267 5.34 28.64 17.54
N GLU A 268 4.63 29.46 18.32
CA GLU A 268 3.83 28.99 19.43
C GLU A 268 2.51 28.37 18.98
N PHE A 269 1.83 29.04 18.07
CA PHE A 269 0.48 28.63 17.67
C PHE A 269 0.43 27.49 16.66
N GLU A 270 1.45 27.42 15.80
CA GLU A 270 1.49 26.39 14.74
C GLU A 270 1.27 24.95 15.21
N PRO A 271 1.91 24.53 16.33
CA PRO A 271 1.68 23.14 16.74
C PRO A 271 0.29 22.92 17.36
N GLN A 272 -0.51 23.98 17.47
CA GLN A 272 -1.85 23.85 18.05
C GLN A 272 -2.91 23.57 16.98
N ILE A 273 -2.52 23.64 15.72
CA ILE A 273 -3.49 23.53 14.62
C ILE A 273 -3.73 22.09 14.15
N ILE A 274 -2.82 21.18 14.51
CA ILE A 274 -3.02 19.75 14.29
C ILE A 274 -2.64 19.00 15.57
N PRO A 275 -3.19 17.79 15.76
CA PRO A 275 -2.85 17.00 16.96
C PRO A 275 -1.34 16.73 17.06
N GLN A 276 -0.86 16.56 18.29
CA GLN A 276 0.56 16.33 18.51
C GLN A 276 0.79 15.05 19.31
N THR A 277 1.98 14.48 19.19
CA THR A 277 2.36 13.31 19.97
C THR A 277 2.90 13.73 21.33
N LYS A 278 3.05 15.04 21.52
CA LYS A 278 3.50 15.59 22.79
C LYS A 278 2.29 15.99 23.64
N ALA A 279 2.18 15.39 24.81
CA ALA A 279 1.02 15.59 25.68
C ALA A 279 0.82 17.05 26.09
N SER A 280 1.92 17.75 26.35
CA SER A 280 1.86 19.10 26.87
C SER A 280 1.38 20.15 25.86
N THR A 281 1.61 19.90 24.57
CA THR A 281 1.25 20.87 23.53
C THR A 281 -0.25 21.15 23.48
N LYS A 282 -0.61 22.43 23.57
CA LYS A 282 -2.01 22.84 23.53
C LYS A 282 -2.64 22.55 22.17
N SER A 283 -3.97 22.54 22.14
CA SER A 283 -4.71 22.22 20.91
C SER A 283 -5.79 23.26 20.62
N ALA A 284 -5.75 23.84 19.42
CA ALA A 284 -6.74 24.83 19.02
C ALA A 284 -7.84 24.22 18.16
N THR A 285 -9.06 24.73 18.29
CA THR A 285 -10.18 24.27 17.46
C THR A 285 -10.05 24.86 16.07
N SER A 286 -10.74 24.25 15.10
CA SER A 286 -10.74 24.71 13.72
C SER A 286 -11.10 26.19 13.58
N SER A 287 -12.15 26.62 14.28
CA SER A 287 -12.62 27.99 14.19
C SER A 287 -11.66 28.97 14.88
N GLU A 288 -10.95 28.48 15.89
CA GLU A 288 -9.91 29.25 16.54
C GLU A 288 -8.70 29.42 15.61
N VAL A 289 -8.47 28.41 14.77
CA VAL A 289 -7.39 28.46 13.79
C VAL A 289 -7.73 29.47 12.69
N VAL A 290 -8.99 29.49 12.28
CA VAL A 290 -9.46 30.46 11.29
C VAL A 290 -9.30 31.89 11.80
N VAL A 291 -9.76 32.13 13.02
CA VAL A 291 -9.62 33.42 13.68
C VAL A 291 -8.16 33.87 13.72
N GLU A 292 -7.28 32.99 14.17
CA GLU A 292 -5.85 33.28 14.23
C GLU A 292 -5.27 33.49 12.83
N PHE A 293 -5.75 32.70 11.87
CA PHE A 293 -5.33 32.82 10.49
C PHE A 293 -5.64 34.21 9.96
N LEU A 294 -6.86 34.67 10.23
CA LEU A 294 -7.31 35.99 9.76
C LEU A 294 -6.51 37.12 10.42
N LYS A 295 -6.17 36.94 11.69
CA LYS A 295 -5.38 37.94 12.41
C LYS A 295 -3.98 38.06 11.82
N GLU A 296 -3.37 36.93 11.48
CA GLU A 296 -2.05 36.92 10.87
C GLU A 296 -2.08 37.54 9.48
N LEU A 297 -3.15 37.26 8.74
CA LEU A 297 -3.31 37.78 7.39
C LEU A 297 -3.52 39.29 7.41
N ALA A 298 -4.20 39.78 8.45
CA ALA A 298 -4.47 41.20 8.60
C ALA A 298 -3.20 42.01 8.88
N LYS A 299 -2.18 41.34 9.42
CA LYS A 299 -0.92 41.99 9.78
C LYS A 299 0.06 42.09 8.61
N LYS A 300 -0.34 41.59 7.45
CA LYS A 300 0.60 41.34 6.36
C LYS A 300 1.36 42.55 5.81
N GLY A 301 0.71 43.70 5.78
CA GLY A 301 1.37 44.90 5.29
C GLY A 301 1.86 45.82 6.41
N SER A 302 1.63 45.39 7.65
CA SER A 302 1.81 46.25 8.83
C SER A 302 3.25 46.64 9.14
N LYS A 303 3.42 47.30 10.29
CA LYS A 303 4.72 47.77 10.76
C LYS A 303 5.60 46.59 11.19
N GLU A 304 5.00 45.64 11.90
CA GLU A 304 5.67 44.40 12.23
C GLU A 304 5.79 43.54 10.97
N ASP A 305 4.79 43.66 10.10
CA ASP A 305 4.70 42.95 8.82
C ASP A 305 4.91 41.44 8.90
N VAL B 7 -11.15 -2.14 -37.95
CA VAL B 7 -12.40 -2.87 -38.10
C VAL B 7 -13.59 -1.96 -37.80
N ASN B 8 -14.36 -1.63 -38.82
CA ASN B 8 -15.59 -0.86 -38.65
C ASN B 8 -16.83 -1.76 -38.70
N TYR B 9 -17.71 -1.61 -37.71
CA TYR B 9 -18.86 -2.50 -37.57
C TYR B 9 -20.15 -1.85 -38.05
N GLN B 10 -20.03 -0.63 -38.57
CA GLN B 10 -21.17 0.23 -38.88
C GLN B 10 -22.35 -0.43 -39.62
N ASP B 11 -22.03 -1.28 -40.59
CA ASP B 11 -23.08 -1.85 -41.45
C ASP B 11 -23.29 -3.35 -41.25
N LEU B 12 -23.05 -3.83 -40.03
CA LEU B 12 -23.27 -5.24 -39.71
C LEU B 12 -24.64 -5.45 -39.06
N GLU B 13 -25.24 -6.61 -39.33
CA GLU B 13 -26.49 -6.98 -38.67
C GLU B 13 -26.25 -7.10 -37.17
N ASP B 14 -27.12 -6.50 -36.37
CA ASP B 14 -26.90 -6.43 -34.93
C ASP B 14 -28.19 -6.14 -34.18
N ASN B 15 -28.66 -7.10 -33.39
CA ASN B 15 -29.83 -6.90 -32.54
C ASN B 15 -29.48 -7.07 -31.07
N LEU B 16 -28.19 -7.05 -30.77
CA LEU B 16 -27.69 -7.24 -29.42
C LEU B 16 -27.05 -5.96 -28.87
N ASN B 17 -27.09 -4.90 -29.68
CA ASN B 17 -26.37 -3.67 -29.39
C ASN B 17 -24.87 -3.93 -29.14
N LEU B 18 -24.30 -4.83 -29.93
CA LEU B 18 -22.87 -5.11 -29.88
C LEU B 18 -22.07 -3.86 -30.24
N LYS B 19 -22.65 -3.03 -31.10
CA LYS B 19 -22.01 -1.79 -31.55
C LYS B 19 -21.90 -0.78 -30.41
N GLY B 20 -22.93 -0.73 -29.57
CA GLY B 20 -22.89 0.13 -28.39
C GLY B 20 -21.86 -0.37 -27.40
N LEU B 21 -21.76 -1.69 -27.28
CA LEU B 21 -20.79 -2.32 -26.38
C LEU B 21 -19.36 -2.02 -26.81
N ILE B 22 -19.09 -2.20 -28.09
CA ILE B 22 -17.77 -1.95 -28.65
C ILE B 22 -17.36 -0.48 -28.47
N SER B 23 -18.32 0.42 -28.65
CA SER B 23 -18.08 1.84 -28.42
C SER B 23 -17.63 2.09 -26.98
N LEU B 24 -18.35 1.50 -26.03
CA LEU B 24 -18.01 1.55 -24.62
C LEU B 24 -16.57 1.08 -24.39
N GLU B 25 -16.23 -0.03 -25.02
CA GLU B 25 -14.89 -0.62 -24.89
C GLU B 25 -13.80 0.26 -25.52
N ASP B 26 -14.11 0.87 -26.66
CA ASP B 26 -13.17 1.75 -27.33
C ASP B 26 -12.77 2.93 -26.45
N ASP B 27 -13.75 3.48 -25.74
CA ASP B 27 -13.51 4.63 -24.88
C ASP B 27 -12.72 4.26 -23.63
N ARG B 28 -13.06 3.13 -23.02
CA ARG B 28 -12.32 2.65 -21.86
C ARG B 28 -10.88 2.34 -22.24
N ASN B 29 -10.70 1.70 -23.39
CA ASN B 29 -9.37 1.36 -23.88
C ASN B 29 -8.57 2.61 -24.23
N ALA B 30 -9.25 3.62 -24.78
CA ALA B 30 -8.59 4.86 -25.15
C ALA B 30 -8.12 5.65 -23.92
N ASN B 31 -8.83 5.45 -22.81
CA ASN B 31 -8.51 6.14 -21.57
C ASN B 31 -7.72 5.27 -20.60
N PHE B 32 -7.39 4.06 -21.02
CA PHE B 32 -6.70 3.09 -20.17
C PHE B 32 -5.33 3.56 -19.69
N GLU B 33 -4.52 4.07 -20.61
CA GLU B 33 -3.19 4.56 -20.24
C GLU B 33 -3.29 5.69 -19.23
N SER B 34 -4.24 6.59 -19.44
CA SER B 34 -4.44 7.73 -18.54
C SER B 34 -4.88 7.28 -17.15
N ASN B 35 -5.94 6.48 -17.10
CA ASN B 35 -6.55 6.07 -15.84
C ASN B 35 -5.77 5.03 -15.05
N VAL B 36 -5.00 4.20 -15.75
CA VAL B 36 -4.25 3.12 -15.09
C VAL B 36 -2.74 3.31 -15.15
N LEU B 37 -2.19 3.35 -16.36
CA LEU B 37 -0.74 3.36 -16.55
C LEU B 37 -0.08 4.63 -16.03
N LYS B 38 -0.78 5.75 -16.13
CA LYS B 38 -0.25 7.02 -15.66
C LYS B 38 -0.83 7.40 -14.30
N ASN B 39 -1.72 6.57 -13.77
CA ASN B 39 -2.24 6.81 -12.42
C ASN B 39 -1.11 6.73 -11.41
N GLU B 40 -0.95 7.80 -10.64
CA GLU B 40 0.22 7.95 -9.77
C GLU B 40 0.25 6.98 -8.60
N LYS B 41 -0.92 6.59 -8.09
CA LYS B 41 -0.97 5.61 -7.02
C LYS B 41 -0.47 4.26 -7.53
N PHE B 42 -0.88 3.90 -8.74
CA PHE B 42 -0.42 2.69 -9.39
C PHE B 42 1.09 2.75 -9.61
N LEU B 43 1.56 3.89 -10.07
CA LEU B 43 2.99 4.09 -10.32
C LEU B 43 3.80 3.99 -9.02
N ASP B 44 3.32 4.64 -7.96
CA ASP B 44 3.98 4.57 -6.67
C ASP B 44 4.06 3.12 -6.18
N GLU B 45 2.98 2.38 -6.39
CA GLU B 45 2.93 0.97 -6.02
C GLU B 45 4.05 0.21 -6.73
N ALA B 46 4.17 0.45 -8.03
CA ALA B 46 5.20 -0.19 -8.85
C ALA B 46 6.59 0.18 -8.37
N ARG B 47 6.79 1.47 -8.08
CA ARG B 47 8.07 1.97 -7.61
C ARG B 47 8.49 1.31 -6.30
N GLU B 48 7.52 1.12 -5.40
CA GLU B 48 7.81 0.49 -4.11
C GLU B 48 8.13 -0.99 -4.25
N ILE B 49 7.33 -1.70 -5.06
CA ILE B 49 7.55 -3.10 -5.35
C ILE B 49 8.95 -3.34 -5.91
N SER B 50 9.32 -2.53 -6.90
CA SER B 50 10.60 -2.67 -7.58
C SER B 50 11.80 -2.42 -6.67
N LYS B 51 11.69 -1.42 -5.79
CA LYS B 51 12.79 -1.03 -4.91
C LYS B 51 13.11 -2.05 -3.83
N LYS B 52 12.14 -2.92 -3.52
CA LYS B 52 12.30 -3.89 -2.44
C LYS B 52 13.47 -4.85 -2.66
N SER B 53 13.72 -5.21 -3.92
CA SER B 53 14.79 -6.15 -4.25
C SER B 53 16.11 -5.47 -4.59
N ILE B 54 16.10 -4.15 -4.68
CA ILE B 54 17.29 -3.40 -5.04
C ILE B 54 18.06 -2.96 -3.80
N PRO B 55 19.38 -3.21 -3.79
CA PRO B 55 20.24 -2.75 -2.68
C PRO B 55 20.14 -1.24 -2.55
N GLU B 56 20.17 -0.71 -1.33
CA GLU B 56 19.93 0.71 -1.12
C GLU B 56 20.98 1.59 -1.80
N ALA B 57 22.23 1.13 -1.80
CA ALA B 57 23.32 1.86 -2.44
C ALA B 57 23.14 1.95 -3.95
N THR B 58 22.57 0.90 -4.53
CA THR B 58 22.26 0.90 -5.96
C THR B 58 21.12 1.88 -6.25
N VAL B 59 20.13 1.91 -5.37
CA VAL B 59 19.03 2.87 -5.47
C VAL B 59 19.58 4.30 -5.43
N LYS B 60 20.52 4.53 -4.52
CA LYS B 60 21.16 5.83 -4.40
C LYS B 60 21.86 6.23 -5.70
N GLN B 61 22.56 5.29 -6.31
CA GLN B 61 23.25 5.53 -7.57
C GLN B 61 22.25 5.82 -8.70
N MET B 62 21.23 4.98 -8.80
CA MET B 62 20.23 5.10 -9.86
C MET B 62 19.42 6.40 -9.82
N SER B 63 19.25 6.96 -8.63
CA SER B 63 18.44 8.17 -8.47
C SER B 63 19.05 9.37 -9.20
N HIS B 64 20.30 9.23 -9.62
CA HIS B 64 21.00 10.26 -10.37
C HIS B 64 20.77 10.11 -11.87
N LEU B 65 20.22 8.96 -12.27
CA LEU B 65 20.01 8.65 -13.69
C LEU B 65 18.57 8.90 -14.13
N PRO B 66 18.41 9.56 -15.29
CA PRO B 66 17.10 9.99 -15.81
C PRO B 66 16.15 8.84 -16.13
N GLU B 67 16.68 7.64 -16.32
CA GLU B 67 15.87 6.50 -16.76
C GLU B 67 15.33 5.64 -15.61
N PHE B 68 15.70 5.99 -14.37
CA PHE B 68 15.38 5.16 -13.20
C PHE B 68 13.88 4.91 -13.02
N ASP B 69 13.07 5.98 -13.09
CA ASP B 69 11.64 5.84 -12.83
C ASP B 69 10.98 4.92 -13.86
N ASP B 70 11.36 5.05 -15.12
CA ASP B 70 10.83 4.20 -16.18
C ASP B 70 11.25 2.74 -16.00
N ILE B 71 12.50 2.52 -15.61
CA ILE B 71 12.98 1.18 -15.28
C ILE B 71 12.13 0.58 -14.16
N LEU B 72 11.75 1.42 -13.21
CA LEU B 72 10.95 1.00 -12.06
C LEU B 72 9.53 0.60 -12.45
N THR B 73 8.96 1.32 -13.41
CA THR B 73 7.54 1.18 -13.75
C THR B 73 7.27 0.39 -15.04
N GLU B 74 8.32 0.14 -15.81
CA GLU B 74 8.17 -0.51 -17.11
C GLU B 74 7.48 -1.86 -17.05
N GLY B 75 7.98 -2.75 -16.19
CA GLY B 75 7.46 -4.10 -16.08
C GLY B 75 6.01 -4.16 -15.65
N ALA B 76 5.68 -3.45 -14.57
CA ALA B 76 4.32 -3.43 -14.04
C ALA B 76 3.32 -2.91 -15.07
N LYS B 77 3.73 -1.91 -15.83
CA LYS B 77 2.86 -1.31 -16.84
C LYS B 77 2.61 -2.26 -18.01
N LYS B 78 3.63 -3.00 -18.41
CA LYS B 78 3.50 -3.97 -19.50
C LYS B 78 2.56 -5.10 -19.14
N VAL B 79 2.53 -5.46 -17.85
CA VAL B 79 1.63 -6.51 -17.38
C VAL B 79 0.17 -6.08 -17.51
N GLU B 80 -0.13 -4.87 -17.05
CA GLU B 80 -1.48 -4.35 -17.13
C GLU B 80 -1.94 -4.17 -18.57
N SER B 81 -1.02 -3.77 -19.44
CA SER B 81 -1.32 -3.61 -20.87
C SER B 81 -1.63 -4.95 -21.52
N ARG B 82 -0.89 -5.98 -21.12
CA ARG B 82 -1.11 -7.32 -21.64
C ARG B 82 -2.47 -7.86 -21.18
N ILE B 83 -2.81 -7.57 -19.93
CA ILE B 83 -4.08 -7.96 -19.36
C ILE B 83 -5.24 -7.22 -20.04
N ASN B 84 -5.06 -5.91 -20.23
CA ASN B 84 -6.08 -5.09 -20.86
C ASN B 84 -6.27 -5.48 -22.32
N LYS B 85 -5.18 -5.85 -22.97
CA LYS B 85 -5.23 -6.33 -24.34
C LYS B 85 -6.08 -7.59 -24.43
N ALA B 86 -5.93 -8.47 -23.45
CA ALA B 86 -6.61 -9.76 -23.45
C ALA B 86 -8.12 -9.64 -23.20
N ILE B 87 -8.52 -8.63 -22.43
CA ILE B 87 -9.92 -8.49 -22.03
C ILE B 87 -10.73 -7.51 -22.87
N THR B 88 -10.06 -6.62 -23.59
CA THR B 88 -10.76 -5.62 -24.39
C THR B 88 -11.51 -6.22 -25.58
N PHE B 89 -12.83 -6.07 -25.59
CA PHE B 89 -13.69 -6.68 -26.60
C PHE B 89 -13.62 -5.98 -27.96
N ARG B 90 -13.05 -6.68 -28.93
CA ARG B 90 -12.90 -6.14 -30.28
C ARG B 90 -12.98 -7.28 -31.29
N PRO B 91 -14.20 -7.73 -31.61
CA PRO B 91 -14.36 -8.93 -32.43
C PRO B 91 -14.06 -8.73 -33.92
N SER B 92 -13.73 -9.83 -34.60
CA SER B 92 -13.69 -9.84 -36.05
C SER B 92 -15.13 -9.82 -36.54
N VAL B 93 -15.34 -9.57 -37.83
CA VAL B 93 -16.68 -9.57 -38.39
C VAL B 93 -17.31 -10.95 -38.25
N GLU B 94 -16.50 -11.99 -38.40
CA GLU B 94 -16.97 -13.37 -38.26
C GLU B 94 -17.49 -13.65 -36.84
N GLU B 95 -16.69 -13.25 -35.84
CA GLU B 95 -17.06 -13.43 -34.45
C GLU B 95 -18.30 -12.63 -34.11
N PHE B 96 -18.37 -11.40 -34.62
CA PHE B 96 -19.53 -10.54 -34.46
C PHE B 96 -20.78 -11.29 -34.91
N SER B 97 -20.73 -11.83 -36.12
CA SER B 97 -21.87 -12.55 -36.70
C SER B 97 -22.18 -13.83 -35.93
N GLU B 98 -21.13 -14.53 -35.49
CA GLU B 98 -21.31 -15.78 -34.77
C GLU B 98 -22.00 -15.55 -33.43
N ILE B 99 -21.67 -14.44 -32.77
CA ILE B 99 -22.29 -14.07 -31.51
C ILE B 99 -23.78 -13.76 -31.71
N GLN B 100 -24.11 -13.13 -32.84
CA GLN B 100 -25.50 -12.88 -33.19
C GLN B 100 -26.27 -14.20 -33.30
N ASP B 101 -25.60 -15.21 -33.85
CA ASP B 101 -26.19 -16.54 -34.02
C ASP B 101 -26.35 -17.27 -32.69
N LEU B 102 -25.28 -17.29 -31.90
CA LEU B 102 -25.24 -18.04 -30.65
C LEU B 102 -26.30 -17.60 -29.63
N VAL B 103 -26.46 -16.29 -29.47
CA VAL B 103 -27.44 -15.73 -28.54
C VAL B 103 -28.85 -16.27 -28.79
N LYS B 104 -29.17 -16.51 -30.06
CA LYS B 104 -30.49 -17.03 -30.44
C LYS B 104 -30.69 -18.48 -30.01
N THR B 105 -29.59 -19.21 -29.80
CA THR B 105 -29.67 -20.62 -29.41
C THR B 105 -29.70 -20.79 -27.90
N LEU B 106 -29.51 -19.69 -27.18
CA LEU B 106 -29.46 -19.70 -25.72
C LEU B 106 -30.82 -19.98 -25.07
N PRO B 107 -30.87 -20.94 -24.15
CA PRO B 107 -32.07 -21.15 -23.34
C PRO B 107 -32.39 -19.89 -22.56
N LYS B 108 -33.66 -19.48 -22.56
CA LYS B 108 -34.03 -18.21 -21.97
C LYS B 108 -35.50 -18.23 -21.55
N THR B 109 -35.74 -18.18 -20.24
CA THR B 109 -37.10 -18.15 -19.72
C THR B 109 -37.70 -16.76 -19.91
N LYS B 110 -38.98 -16.70 -20.30
CA LYS B 110 -39.65 -15.42 -20.51
C LYS B 110 -40.10 -14.78 -19.19
N VAL B 111 -40.48 -15.60 -18.22
CA VAL B 111 -40.70 -15.11 -16.86
C VAL B 111 -39.42 -15.27 -16.06
N ILE B 112 -38.99 -14.20 -15.39
CA ILE B 112 -37.78 -14.25 -14.59
C ILE B 112 -38.09 -14.81 -13.20
N GLU B 113 -37.30 -15.79 -12.77
CA GLU B 113 -37.49 -16.43 -11.46
C GLU B 113 -37.28 -15.44 -10.30
N ASP B 114 -37.90 -15.73 -9.16
CA ASP B 114 -37.78 -14.84 -8.01
C ASP B 114 -36.42 -14.93 -7.32
N LEU B 115 -36.18 -14.05 -6.36
CA LEU B 115 -34.89 -13.95 -5.68
C LEU B 115 -34.48 -15.27 -5.02
N SER B 116 -35.42 -15.91 -4.35
CA SER B 116 -35.14 -17.17 -3.66
C SER B 116 -34.74 -18.27 -4.63
N THR B 117 -35.36 -18.29 -5.81
CA THR B 117 -35.01 -19.26 -6.84
C THR B 117 -33.63 -18.96 -7.42
N LYS B 118 -33.33 -17.67 -7.61
CA LYS B 118 -32.03 -17.25 -8.11
C LYS B 118 -30.93 -17.62 -7.12
N THR B 119 -31.16 -17.32 -5.85
CA THR B 119 -30.25 -17.68 -4.77
C THR B 119 -29.83 -19.15 -4.88
N ASN B 120 -30.82 -20.01 -5.07
CA ASN B 120 -30.58 -21.44 -5.18
C ASN B 120 -29.82 -21.84 -6.45
N GLU B 121 -30.17 -21.26 -7.59
CA GLU B 121 -29.50 -21.61 -8.83
C GLU B 121 -28.03 -21.18 -8.82
N ILE B 122 -27.78 -19.99 -8.27
CA ILE B 122 -26.41 -19.48 -8.14
C ILE B 122 -25.60 -20.32 -7.16
N THR B 123 -26.23 -20.71 -6.05
CA THR B 123 -25.58 -21.57 -5.06
C THR B 123 -25.23 -22.93 -5.68
N GLU B 124 -26.18 -23.50 -6.41
CA GLU B 124 -25.97 -24.79 -7.07
C GLU B 124 -24.87 -24.72 -8.13
N ALA B 125 -24.79 -23.60 -8.83
CA ALA B 125 -23.76 -23.40 -9.85
C ALA B 125 -22.37 -23.34 -9.22
N LEU B 126 -22.30 -22.76 -8.03
CA LEU B 126 -21.04 -22.66 -7.29
C LEU B 126 -20.58 -24.05 -6.84
N ALA B 127 -21.52 -24.83 -6.32
CA ALA B 127 -21.23 -26.17 -5.83
C ALA B 127 -20.87 -27.14 -6.96
N ALA B 128 -21.38 -26.85 -8.16
CA ALA B 128 -21.21 -27.74 -9.30
C ALA B 128 -19.75 -28.01 -9.68
N THR B 129 -18.88 -27.04 -9.45
CA THR B 129 -17.47 -27.18 -9.79
C THR B 129 -16.57 -27.35 -8.57
N SER B 130 -17.18 -27.47 -7.40
CA SER B 130 -16.41 -27.57 -6.15
C SER B 130 -16.79 -28.78 -5.32
N LYS B 131 -15.86 -29.72 -5.18
CA LYS B 131 -16.05 -30.89 -4.33
C LYS B 131 -16.22 -30.47 -2.86
N THR B 132 -15.47 -29.45 -2.46
CA THR B 132 -15.49 -28.97 -1.07
C THR B 132 -16.87 -28.45 -0.64
N ILE B 133 -17.53 -27.73 -1.55
CA ILE B 133 -18.86 -27.20 -1.27
C ILE B 133 -19.90 -28.33 -1.30
N GLN B 134 -19.68 -29.31 -2.15
CA GLN B 134 -20.58 -30.46 -2.27
C GLN B 134 -20.58 -31.33 -1.01
N ARG B 135 -19.44 -31.40 -0.32
CA ARG B 135 -19.29 -32.28 0.85
C ARG B 135 -19.52 -31.56 2.18
N THR B 136 -19.61 -30.24 2.13
CA THR B 136 -19.67 -29.44 3.35
C THR B 136 -20.90 -28.52 3.37
N PRO B 137 -22.03 -29.04 3.88
CA PRO B 137 -23.33 -28.37 3.91
C PRO B 137 -23.28 -27.02 4.62
N GLU B 138 -22.52 -26.95 5.72
CA GLU B 138 -22.37 -25.72 6.49
C GLU B 138 -21.71 -24.62 5.66
N LEU B 139 -20.72 -24.99 4.86
CA LEU B 139 -20.05 -24.07 3.95
C LEU B 139 -21.02 -23.62 2.86
N LYS B 140 -21.72 -24.58 2.26
CA LYS B 140 -22.68 -24.30 1.20
C LYS B 140 -23.79 -23.37 1.67
N GLU B 141 -24.29 -23.61 2.88
CA GLU B 141 -25.34 -22.78 3.45
C GLU B 141 -24.88 -21.34 3.72
N GLN B 142 -23.60 -21.20 4.10
CA GLN B 142 -23.02 -19.89 4.34
C GLN B 142 -22.92 -19.09 3.05
N LEU B 143 -22.50 -19.74 1.98
CA LEU B 143 -22.42 -19.11 0.66
C LEU B 143 -23.80 -18.76 0.16
N LYS B 144 -24.77 -19.62 0.45
CA LYS B 144 -26.16 -19.36 0.08
C LYS B 144 -26.66 -18.06 0.71
N THR B 145 -26.32 -17.85 1.98
CA THR B 145 -26.72 -16.65 2.71
C THR B 145 -26.09 -15.40 2.10
N ALA B 146 -24.80 -15.48 1.81
CA ALA B 146 -24.08 -14.37 1.20
C ALA B 146 -24.66 -14.02 -0.16
N ILE B 147 -25.03 -15.05 -0.92
CA ILE B 147 -25.64 -14.85 -2.24
C ILE B 147 -27.01 -14.17 -2.12
N GLU B 148 -27.85 -14.68 -1.22
CA GLU B 148 -29.16 -14.07 -1.00
C GLU B 148 -29.02 -12.62 -0.56
N ASP B 149 -28.08 -12.37 0.34
CA ASP B 149 -27.80 -11.02 0.83
C ASP B 149 -27.38 -10.10 -0.32
N PHE B 150 -26.51 -10.59 -1.20
CA PHE B 150 -26.04 -9.78 -2.32
C PHE B 150 -27.17 -9.44 -3.28
N LEU B 151 -27.93 -10.46 -3.69
CA LEU B 151 -29.05 -10.26 -4.59
C LEU B 151 -30.07 -9.30 -3.98
N GLN B 152 -30.23 -9.39 -2.66
CA GLN B 152 -31.19 -8.55 -1.94
C GLN B 152 -30.82 -7.08 -2.06
N ASN B 153 -29.55 -6.77 -1.86
CA ASN B 153 -29.08 -5.40 -1.82
C ASN B 153 -28.77 -4.78 -3.18
N SER B 154 -28.58 -5.64 -4.18
CA SER B 154 -28.25 -5.19 -5.52
C SER B 154 -29.47 -5.09 -6.42
N GLN B 155 -30.55 -5.74 -5.99
CA GLN B 155 -31.80 -5.80 -6.75
C GLN B 155 -32.40 -4.43 -7.01
N GLY B 156 -32.60 -4.09 -8.27
CA GLY B 156 -33.22 -2.83 -8.64
C GLY B 156 -32.41 -1.61 -8.27
N LYS B 157 -31.11 -1.80 -8.07
CA LYS B 157 -30.21 -0.70 -7.75
C LYS B 157 -28.98 -0.72 -8.66
N PRO B 158 -28.33 0.44 -8.83
CA PRO B 158 -27.00 0.45 -9.43
C PRO B 158 -26.05 -0.39 -8.61
N LEU B 159 -25.29 -1.27 -9.25
CA LEU B 159 -24.27 -2.05 -8.56
C LEU B 159 -23.23 -1.09 -8.01
N THR B 160 -22.67 -1.39 -6.84
CA THR B 160 -21.58 -0.59 -6.29
C THR B 160 -20.39 -1.47 -5.92
N VAL B 161 -19.22 -0.85 -5.78
CA VAL B 161 -18.04 -1.54 -5.30
C VAL B 161 -18.27 -2.10 -3.89
N GLN B 162 -19.06 -1.36 -3.10
CA GLN B 162 -19.36 -1.74 -1.73
C GLN B 162 -20.12 -3.07 -1.64
N MET B 163 -21.09 -3.25 -2.52
CA MET B 163 -21.86 -4.49 -2.58
C MET B 163 -20.94 -5.68 -2.85
N ILE B 164 -19.99 -5.48 -3.75
CA ILE B 164 -19.04 -6.52 -4.15
C ILE B 164 -18.10 -6.87 -3.01
N GLU B 165 -17.65 -5.85 -2.28
CA GLU B 165 -16.83 -6.07 -1.09
C GLU B 165 -17.59 -6.90 -0.06
N ASN B 166 -18.85 -6.56 0.17
CA ASN B 166 -19.71 -7.32 1.07
C ASN B 166 -19.92 -8.73 0.56
N LEU B 167 -20.10 -8.87 -0.76
CA LEU B 167 -20.27 -10.18 -1.38
C LEU B 167 -19.02 -11.04 -1.24
N ASN B 168 -17.87 -10.47 -1.56
CA ASN B 168 -16.60 -11.19 -1.47
C ASN B 168 -16.33 -11.70 -0.05
N HIS B 169 -16.61 -10.86 0.95
CA HIS B 169 -16.41 -11.24 2.35
C HIS B 169 -17.35 -12.37 2.74
N GLY B 170 -18.60 -12.29 2.30
CA GLY B 170 -19.59 -13.31 2.59
C GLY B 170 -19.23 -14.66 2.00
N LEU B 171 -18.46 -14.63 0.91
CA LEU B 171 -18.07 -15.85 0.22
C LEU B 171 -16.74 -16.39 0.74
N ARG B 172 -16.25 -15.79 1.83
CA ARG B 172 -15.03 -16.24 2.49
C ARG B 172 -15.31 -16.53 3.96
N PRO B 173 -16.01 -17.63 4.26
CA PRO B 173 -16.54 -17.89 5.60
C PRO B 173 -15.61 -18.64 6.57
N ASP B 174 -14.79 -19.57 6.09
CA ASP B 174 -13.92 -20.36 6.97
C ASP B 174 -12.60 -19.66 7.28
N GLU B 175 -12.62 -18.33 7.23
CA GLU B 175 -11.39 -17.56 7.06
C GLU B 175 -10.66 -17.14 8.35
N GLY B 176 -11.41 -16.89 9.41
CA GLY B 176 -10.83 -16.29 10.61
C GLY B 176 -11.01 -14.79 10.57
N GLU B 177 -10.75 -14.13 11.70
CA GLU B 177 -10.97 -12.69 11.82
C GLU B 177 -9.72 -11.88 11.47
N GLY B 178 -9.93 -10.63 11.05
CA GLY B 178 -8.83 -9.71 10.80
C GLY B 178 -8.08 -9.90 9.49
N ARG B 179 -8.68 -10.63 8.55
CA ARG B 179 -8.05 -10.84 7.26
C ARG B 179 -8.17 -9.60 6.38
N LEU B 180 -7.20 -9.41 5.50
CA LEU B 180 -7.28 -8.34 4.50
C LEU B 180 -8.36 -8.68 3.49
N LEU B 181 -9.17 -7.68 3.12
CA LEU B 181 -10.20 -7.89 2.10
C LEU B 181 -9.55 -7.97 0.73
N TYR B 182 -8.87 -6.90 0.35
CA TYR B 182 -8.12 -6.85 -0.90
C TYR B 182 -6.76 -7.49 -0.73
N LYS B 183 -6.19 -7.97 -1.83
CA LYS B 183 -4.83 -8.51 -1.81
C LYS B 183 -3.83 -7.36 -1.64
N LYS B 184 -2.74 -7.64 -0.95
CA LYS B 184 -1.77 -6.61 -0.60
C LYS B 184 -0.54 -6.63 -1.52
N GLU B 185 -0.44 -7.68 -2.33
CA GLU B 185 0.72 -7.85 -3.20
C GLU B 185 0.31 -8.57 -4.47
N ASN B 186 1.18 -8.55 -5.48
CA ASN B 186 0.94 -9.35 -6.67
C ASN B 186 0.89 -10.83 -6.31
N LEU B 187 -0.23 -11.47 -6.59
CA LEU B 187 -0.44 -12.87 -6.25
C LEU B 187 -0.67 -13.69 -7.51
N THR B 188 -0.39 -14.98 -7.42
CA THR B 188 -0.66 -15.89 -8.53
C THR B 188 -0.91 -17.31 -8.06
N LYS B 189 -1.46 -18.11 -8.97
CA LYS B 189 -1.68 -19.54 -8.74
C LYS B 189 -1.91 -20.14 -10.11
N GLU B 190 -1.53 -21.40 -10.29
CA GLU B 190 -1.75 -22.13 -11.54
C GLU B 190 -1.26 -21.35 -12.77
N ASN B 191 -0.07 -20.74 -12.64
CA ASN B 191 0.55 -19.99 -13.73
C ASN B 191 -0.23 -18.76 -14.20
N ALA B 192 -1.12 -18.25 -13.35
CA ALA B 192 -1.98 -17.13 -13.75
C ALA B 192 -1.25 -15.79 -13.65
N VAL B 193 -1.65 -14.85 -14.52
CA VAL B 193 -1.20 -13.46 -14.42
C VAL B 193 -2.41 -12.61 -14.03
N PHE B 194 -2.35 -11.99 -12.87
CA PHE B 194 -3.43 -11.11 -12.41
C PHE B 194 -2.96 -9.67 -12.37
N SER B 195 -3.92 -8.74 -12.32
CA SER B 195 -3.58 -7.33 -12.18
C SER B 195 -2.94 -7.05 -10.83
N SER B 196 -2.18 -5.98 -10.74
CA SER B 196 -1.61 -5.55 -9.47
C SER B 196 -2.76 -5.09 -8.57
N PRO B 197 -2.53 -5.03 -7.25
CA PRO B 197 -3.58 -4.61 -6.31
C PRO B 197 -4.25 -3.29 -6.69
N GLU B 198 -3.46 -2.25 -6.95
CA GLU B 198 -4.03 -0.94 -7.27
C GLU B 198 -4.73 -0.93 -8.62
N ALA B 199 -4.12 -1.56 -9.62
CA ALA B 199 -4.71 -1.64 -10.95
C ALA B 199 -6.04 -2.39 -10.90
N ALA B 200 -6.08 -3.41 -10.06
CA ALA B 200 -7.29 -4.21 -9.89
C ALA B 200 -8.42 -3.40 -9.26
N LYS B 201 -8.06 -2.53 -8.32
CA LYS B 201 -9.04 -1.67 -7.66
C LYS B 201 -9.61 -0.63 -8.63
N ILE B 202 -8.73 -0.01 -9.40
CA ILE B 202 -9.13 0.98 -10.40
C ILE B 202 -10.11 0.37 -11.40
N GLN B 203 -9.81 -0.84 -11.85
CA GLN B 203 -10.58 -1.48 -12.90
C GLN B 203 -11.77 -2.30 -12.38
N LEU B 204 -11.81 -2.53 -11.07
CA LEU B 204 -13.02 -3.08 -10.47
C LEU B 204 -14.11 -2.02 -10.54
N ALA B 205 -13.73 -0.79 -10.20
CA ALA B 205 -14.64 0.35 -10.26
C ALA B 205 -15.14 0.57 -11.68
N GLU B 206 -14.25 0.38 -12.65
CA GLU B 206 -14.60 0.53 -14.06
C GLU B 206 -15.56 -0.57 -14.51
N THR B 207 -15.30 -1.79 -14.04
CA THR B 207 -16.16 -2.93 -14.38
C THR B 207 -17.55 -2.74 -13.81
N VAL B 208 -17.64 -2.21 -12.59
CA VAL B 208 -18.93 -1.90 -11.97
C VAL B 208 -19.71 -0.93 -12.83
N ASP B 209 -19.07 0.16 -13.22
CA ASP B 209 -19.69 1.17 -14.06
C ASP B 209 -20.09 0.58 -15.40
N PHE B 210 -19.27 -0.35 -15.91
CA PHE B 210 -19.58 -1.06 -17.15
C PHE B 210 -20.84 -1.91 -17.00
N ILE B 211 -20.98 -2.54 -15.86
CA ILE B 211 -22.16 -3.37 -15.59
C ILE B 211 -23.43 -2.49 -15.56
N ASN B 212 -23.32 -1.31 -14.96
CA ASN B 212 -24.43 -0.39 -14.89
C ASN B 212 -24.76 0.28 -16.24
N ARG B 213 -23.72 0.69 -16.97
CA ARG B 213 -23.91 1.34 -18.27
C ARG B 213 -24.47 0.38 -19.32
N ALA B 214 -23.92 -0.82 -19.38
CA ALA B 214 -24.35 -1.81 -20.36
C ALA B 214 -25.82 -2.17 -20.19
N LYS B 215 -26.26 -2.29 -18.95
CA LYS B 215 -27.66 -2.61 -18.65
C LYS B 215 -28.59 -1.49 -19.09
N ASN B 216 -28.16 -0.24 -18.87
CA ASN B 216 -28.96 0.91 -19.28
C ASN B 216 -29.12 0.99 -20.79
N GLU B 217 -28.04 0.66 -21.51
CA GLU B 217 -28.06 0.68 -22.97
C GLU B 217 -28.73 -0.56 -23.56
N GLY B 218 -29.13 -1.48 -22.70
CA GLY B 218 -29.76 -2.71 -23.13
C GLY B 218 -28.84 -3.59 -23.95
N ILE B 219 -27.55 -3.56 -23.62
CA ILE B 219 -26.57 -4.43 -24.28
C ILE B 219 -26.82 -5.87 -23.85
N GLU B 220 -26.81 -6.78 -24.82
CA GLU B 220 -27.08 -8.20 -24.60
C GLU B 220 -26.37 -8.78 -23.37
N PRO B 221 -27.15 -9.12 -22.33
CA PRO B 221 -26.67 -9.56 -21.02
C PRO B 221 -25.75 -10.77 -21.04
N SER B 222 -25.99 -11.72 -21.93
CA SER B 222 -25.13 -12.90 -22.01
C SER B 222 -23.71 -12.53 -22.41
N VAL B 223 -23.58 -11.51 -23.25
CA VAL B 223 -22.28 -11.00 -23.69
C VAL B 223 -21.65 -10.16 -22.57
N VAL B 224 -22.47 -9.38 -21.89
CA VAL B 224 -22.03 -8.62 -20.71
C VAL B 224 -21.51 -9.58 -19.66
N GLY B 225 -22.27 -10.65 -19.42
CA GLY B 225 -21.87 -11.68 -18.47
C GLY B 225 -20.53 -12.30 -18.81
N ALA B 226 -20.33 -12.61 -20.08
CA ALA B 226 -19.08 -13.22 -20.55
C ALA B 226 -17.89 -12.33 -20.25
N LEU B 227 -18.00 -11.06 -20.62
CA LEU B 227 -16.92 -10.09 -20.44
C LEU B 227 -16.61 -9.83 -18.97
N VAL B 228 -17.65 -9.70 -18.16
CA VAL B 228 -17.49 -9.48 -16.72
C VAL B 228 -16.77 -10.66 -16.07
N TYR B 229 -17.14 -11.87 -16.47
CA TYR B 229 -16.48 -13.09 -16.01
C TYR B 229 -14.98 -13.03 -16.25
N GLN B 230 -14.60 -12.69 -17.48
CA GLN B 230 -13.19 -12.67 -17.85
C GLN B 230 -12.39 -11.63 -17.07
N ARG B 231 -12.85 -10.39 -17.08
CA ARG B 231 -12.07 -9.29 -16.51
C ARG B 231 -12.01 -9.28 -14.98
N LEU B 232 -13.12 -9.61 -14.32
CA LEU B 232 -13.12 -9.71 -12.86
C LEU B 232 -12.12 -10.76 -12.38
N ILE B 233 -12.04 -11.86 -13.13
CA ILE B 233 -11.10 -12.93 -12.82
C ILE B 233 -9.67 -12.49 -13.14
N ALA B 234 -9.51 -11.74 -14.22
CA ALA B 234 -8.20 -11.22 -14.60
C ALA B 234 -7.68 -10.19 -13.59
N TYR B 235 -8.54 -9.28 -13.16
CA TYR B 235 -8.16 -8.25 -12.20
C TYR B 235 -7.90 -8.86 -10.83
N ALA B 236 -8.80 -9.75 -10.40
CA ALA B 236 -8.69 -10.45 -9.11
C ALA B 236 -8.28 -9.55 -7.95
N PRO B 237 -9.13 -8.58 -7.60
CA PRO B 237 -8.76 -7.53 -6.65
C PRO B 237 -8.63 -8.04 -5.22
N PHE B 238 -9.38 -9.08 -4.89
CA PHE B 238 -9.46 -9.55 -3.51
C PHE B 238 -8.43 -10.63 -3.17
N ALA B 239 -8.12 -10.75 -1.88
CA ALA B 239 -7.15 -11.72 -1.41
C ALA B 239 -7.59 -13.15 -1.70
N GLU B 240 -8.90 -13.34 -1.69
CA GLU B 240 -9.50 -14.65 -1.80
C GLU B 240 -10.90 -14.52 -2.39
N GLY B 241 -11.41 -15.62 -2.95
CA GLY B 241 -12.80 -15.69 -3.40
C GLY B 241 -13.14 -14.91 -4.66
N ASN B 242 -12.14 -14.57 -5.46
CA ASN B 242 -12.38 -13.84 -6.71
C ASN B 242 -13.17 -14.67 -7.72
N GLY B 243 -12.96 -15.98 -7.71
CA GLY B 243 -13.66 -16.88 -8.61
C GLY B 243 -15.14 -17.00 -8.28
N ARG B 244 -15.44 -17.26 -7.01
CA ARG B 244 -16.81 -17.35 -6.55
C ARG B 244 -17.54 -16.03 -6.78
N MET B 245 -16.86 -14.94 -6.45
CA MET B 245 -17.43 -13.60 -6.55
C MET B 245 -17.81 -13.24 -7.98
N ALA B 246 -16.90 -13.49 -8.90
CA ALA B 246 -17.14 -13.21 -10.32
C ALA B 246 -18.34 -14.00 -10.84
N ARG B 247 -18.43 -15.26 -10.44
CA ARG B 247 -19.49 -16.15 -10.92
C ARG B 247 -20.87 -15.78 -10.37
N VAL B 248 -20.93 -15.34 -9.12
CA VAL B 248 -22.18 -14.88 -8.52
C VAL B 248 -22.69 -13.63 -9.23
N ILE B 249 -21.77 -12.70 -9.50
CA ILE B 249 -22.10 -11.45 -10.20
C ILE B 249 -22.55 -11.70 -11.64
N VAL B 250 -21.78 -12.51 -12.36
CA VAL B 250 -22.13 -12.88 -13.73
C VAL B 250 -23.49 -13.58 -13.79
N ASN B 251 -23.74 -14.47 -12.83
CA ASN B 251 -25.00 -15.20 -12.80
C ASN B 251 -26.19 -14.34 -12.38
N LYS B 252 -25.97 -13.30 -11.59
CA LYS B 252 -27.02 -12.31 -11.37
C LYS B 252 -27.38 -11.67 -12.70
N ILE B 253 -26.35 -11.35 -13.49
CA ILE B 253 -26.54 -10.73 -14.80
C ILE B 253 -27.29 -11.65 -15.76
N LEU B 254 -26.92 -12.93 -15.77
CA LEU B 254 -27.58 -13.91 -16.64
C LEU B 254 -29.02 -14.21 -16.20
N LEU B 255 -29.21 -14.48 -14.90
CA LEU B 255 -30.52 -14.84 -14.37
C LEU B 255 -31.52 -13.68 -14.48
N ASP B 256 -31.03 -12.44 -14.35
CA ASP B 256 -31.88 -11.27 -14.51
C ASP B 256 -32.49 -11.22 -15.90
N ALA B 257 -31.80 -11.82 -16.87
CA ALA B 257 -32.25 -11.83 -18.26
C ALA B 257 -32.95 -13.13 -18.65
N GLY B 258 -33.04 -14.05 -17.69
CA GLY B 258 -33.74 -15.31 -17.92
C GLY B 258 -32.84 -16.43 -18.39
N TYR B 259 -31.55 -16.15 -18.49
CA TYR B 259 -30.58 -17.14 -18.93
C TYR B 259 -30.23 -18.10 -17.79
N PRO B 260 -29.67 -19.28 -18.12
CA PRO B 260 -29.22 -20.21 -17.08
C PRO B 260 -27.92 -19.73 -16.44
N ALA B 261 -27.51 -20.34 -15.34
CA ALA B 261 -26.29 -19.95 -14.65
C ALA B 261 -25.05 -20.50 -15.34
N PHE B 262 -23.95 -19.76 -15.25
CA PHE B 262 -22.67 -20.23 -15.79
C PHE B 262 -21.88 -20.89 -14.68
N THR B 263 -21.07 -21.89 -15.04
CA THR B 263 -20.20 -22.54 -14.09
C THR B 263 -18.75 -22.19 -14.40
N LYS B 264 -18.08 -23.07 -15.14
CA LYS B 264 -16.72 -22.80 -15.60
C LYS B 264 -16.55 -23.15 -17.06
N PHE B 265 -15.44 -22.70 -17.65
CA PHE B 265 -15.03 -23.17 -18.97
C PHE B 265 -14.46 -24.57 -18.79
N SER B 266 -14.08 -25.20 -19.90
CA SER B 266 -13.39 -26.48 -19.83
C SER B 266 -12.03 -26.29 -19.18
N ASP B 267 -11.41 -27.39 -18.73
CA ASP B 267 -10.10 -27.33 -18.12
C ASP B 267 -9.04 -26.91 -19.12
N GLU B 268 -9.34 -27.09 -20.39
CA GLU B 268 -8.39 -26.81 -21.47
C GLU B 268 -8.51 -25.37 -21.96
N PHE B 269 -9.68 -24.77 -21.77
CA PHE B 269 -9.92 -23.41 -22.26
C PHE B 269 -9.72 -22.35 -21.18
N GLU B 270 -10.01 -22.69 -19.93
CA GLU B 270 -9.90 -21.75 -18.82
C GLU B 270 -8.55 -21.00 -18.75
N PRO B 271 -7.41 -21.71 -18.88
CA PRO B 271 -6.15 -20.97 -18.78
C PRO B 271 -5.87 -20.06 -19.98
N GLN B 272 -6.73 -20.09 -21.00
CA GLN B 272 -6.53 -19.26 -22.19
C GLN B 272 -7.18 -17.89 -22.02
N ILE B 273 -8.09 -17.77 -21.07
CA ILE B 273 -8.90 -16.56 -20.92
C ILE B 273 -8.16 -15.39 -20.28
N ILE B 274 -7.09 -15.68 -19.54
CA ILE B 274 -6.22 -14.63 -19.00
C ILE B 274 -4.75 -14.98 -19.30
N PRO B 275 -3.86 -13.97 -19.32
CA PRO B 275 -2.44 -14.26 -19.61
C PRO B 275 -1.83 -15.21 -18.59
N GLN B 276 -0.89 -16.05 -19.03
CA GLN B 276 -0.27 -17.03 -18.15
C GLN B 276 1.24 -16.81 -18.06
N THR B 277 1.83 -17.24 -16.93
CA THR B 277 3.28 -17.16 -16.76
C THR B 277 3.97 -18.27 -17.53
N LYS B 278 3.21 -19.31 -17.90
CA LYS B 278 3.74 -20.43 -18.67
C LYS B 278 3.70 -20.12 -20.17
N ALA B 279 4.85 -20.22 -20.82
CA ALA B 279 4.99 -19.81 -22.21
C ALA B 279 4.17 -20.65 -23.20
N SER B 280 3.97 -21.93 -22.88
CA SER B 280 3.32 -22.86 -23.80
C SER B 280 1.80 -22.70 -23.90
N THR B 281 1.18 -22.21 -22.82
CA THR B 281 -0.29 -22.08 -22.77
C THR B 281 -0.82 -21.15 -23.84
N LYS B 282 -1.86 -21.60 -24.53
CA LYS B 282 -2.48 -20.82 -25.61
C LYS B 282 -3.24 -19.61 -25.05
N SER B 283 -3.37 -18.58 -25.88
CA SER B 283 -4.03 -17.34 -25.47
C SER B 283 -5.26 -17.07 -26.31
N ALA B 284 -6.37 -16.73 -25.66
CA ALA B 284 -7.63 -16.47 -26.34
C ALA B 284 -7.99 -14.99 -26.27
N THR B 285 -8.46 -14.43 -27.37
CA THR B 285 -8.90 -13.04 -27.39
C THR B 285 -10.20 -12.90 -26.61
N SER B 286 -10.52 -11.66 -26.23
CA SER B 286 -11.75 -11.37 -25.51
C SER B 286 -12.99 -11.90 -26.25
N SER B 287 -13.06 -11.62 -27.54
CA SER B 287 -14.20 -12.05 -28.36
C SER B 287 -14.26 -13.56 -28.51
N GLU B 288 -13.10 -14.21 -28.55
CA GLU B 288 -13.04 -15.67 -28.58
C GLU B 288 -13.55 -16.24 -27.26
N VAL B 289 -13.28 -15.53 -26.17
CA VAL B 289 -13.77 -15.92 -24.85
C VAL B 289 -15.29 -15.80 -24.79
N VAL B 290 -15.82 -14.72 -25.35
CA VAL B 290 -17.26 -14.51 -25.41
C VAL B 290 -17.95 -15.64 -26.18
N VAL B 291 -17.45 -15.95 -27.37
CA VAL B 291 -17.99 -17.03 -28.19
C VAL B 291 -18.05 -18.36 -27.46
N GLU B 292 -16.94 -18.72 -26.83
CA GLU B 292 -16.85 -19.98 -26.08
C GLU B 292 -17.81 -19.97 -24.89
N PHE B 293 -17.88 -18.84 -24.21
CA PHE B 293 -18.80 -18.62 -23.10
C PHE B 293 -20.22 -18.90 -23.55
N LEU B 294 -20.57 -18.38 -24.73
CA LEU B 294 -21.92 -18.56 -25.27
C LEU B 294 -22.20 -20.01 -25.62
N LYS B 295 -21.19 -20.71 -26.14
CA LYS B 295 -21.33 -22.12 -26.49
C LYS B 295 -21.55 -22.95 -25.24
N GLU B 296 -20.78 -22.68 -24.19
CA GLU B 296 -20.94 -23.36 -22.91
C GLU B 296 -22.32 -23.09 -22.32
N LEU B 297 -22.74 -21.83 -22.42
CA LEU B 297 -24.03 -21.40 -21.86
C LEU B 297 -25.21 -22.05 -22.58
N ALA B 298 -25.05 -22.25 -23.89
CA ALA B 298 -26.12 -22.84 -24.71
C ALA B 298 -26.35 -24.32 -24.40
N LYS B 299 -25.37 -24.96 -23.77
CA LYS B 299 -25.43 -26.39 -23.46
C LYS B 299 -26.20 -26.69 -22.17
N LYS B 300 -26.47 -25.66 -21.38
CA LYS B 300 -26.93 -25.83 -20.00
C LYS B 300 -28.27 -26.57 -19.85
N GLY B 301 -29.11 -26.53 -20.87
CA GLY B 301 -30.39 -27.22 -20.83
C GLY B 301 -30.25 -28.73 -20.72
N SER B 302 -29.43 -29.29 -21.59
CA SER B 302 -29.19 -30.73 -21.62
C SER B 302 -28.54 -31.23 -20.33
N THR C 3 26.48 -12.16 5.21
CA THR C 3 25.36 -12.75 4.49
C THR C 3 25.78 -13.24 3.11
N ILE C 4 25.41 -14.47 2.77
CA ILE C 4 25.56 -14.96 1.41
C ILE C 4 24.30 -14.67 0.61
N LYS C 5 24.42 -13.83 -0.41
CA LYS C 5 23.26 -13.44 -1.22
C LYS C 5 23.00 -14.44 -2.34
N CYS C 6 21.83 -15.07 -2.30
CA CYS C 6 21.44 -16.04 -3.32
C CYS C 6 20.24 -15.51 -4.11
N VAL C 7 20.41 -15.40 -5.43
CA VAL C 7 19.35 -14.88 -6.29
C VAL C 7 18.82 -15.97 -7.23
N VAL C 8 17.51 -16.17 -7.20
CA VAL C 8 16.85 -17.22 -7.99
C VAL C 8 16.29 -16.65 -9.30
N VAL C 9 16.76 -17.19 -10.42
CA VAL C 9 16.29 -16.76 -11.74
C VAL C 9 15.77 -17.93 -12.56
N GLY C 10 15.14 -17.62 -13.70
CA GLY C 10 14.56 -18.65 -14.55
C GLY C 10 13.20 -18.22 -15.08
N ASP C 11 12.68 -18.98 -16.04
CA ASP C 11 11.42 -18.65 -16.69
C ASP C 11 10.23 -18.62 -15.72
N GLY C 12 9.16 -17.95 -16.13
CA GLY C 12 7.94 -17.95 -15.35
C GLY C 12 7.38 -19.35 -15.28
N ALA C 13 6.75 -19.68 -14.15
CA ALA C 13 6.07 -20.97 -13.94
C ALA C 13 6.97 -22.19 -13.71
N VAL C 14 8.28 -21.97 -13.56
CA VAL C 14 9.19 -23.08 -13.26
C VAL C 14 9.18 -23.45 -11.78
N GLY C 15 8.63 -22.56 -10.96
CA GLY C 15 8.48 -22.84 -9.53
C GLY C 15 9.48 -22.12 -8.64
N LYS C 16 10.01 -21.00 -9.13
CA LYS C 16 10.98 -20.21 -8.38
C LYS C 16 10.46 -19.79 -7.00
N THR C 17 9.24 -19.29 -6.96
CA THR C 17 8.65 -18.82 -5.71
C THR C 17 8.29 -19.96 -4.78
N CYS C 18 7.67 -21.00 -5.33
CA CYS C 18 7.23 -22.14 -4.53
C CYS C 18 8.37 -22.90 -3.86
N LEU C 19 9.54 -22.93 -4.49
CA LEU C 19 10.69 -23.63 -3.92
C LEU C 19 11.32 -22.82 -2.78
N LEU C 20 11.26 -21.50 -2.90
CA LEU C 20 11.74 -20.61 -1.84
C LEU C 20 10.83 -20.71 -0.61
N ILE C 21 9.52 -20.74 -0.84
CA ILE C 21 8.56 -20.84 0.25
C ILE C 21 8.58 -22.21 0.90
N SER C 22 8.68 -23.25 0.09
CA SER C 22 8.73 -24.61 0.61
C SER C 22 9.98 -24.80 1.46
N TYR C 23 11.07 -24.16 1.06
CA TYR C 23 12.33 -24.26 1.78
C TYR C 23 12.32 -23.54 3.12
N THR C 24 11.76 -22.34 3.14
CA THR C 24 11.76 -21.50 4.34
C THR C 24 10.68 -21.87 5.34
N THR C 25 9.56 -22.41 4.86
CA THR C 25 8.43 -22.74 5.72
C THR C 25 8.24 -24.24 5.94
N ASN C 26 9.00 -25.05 5.20
CA ASN C 26 8.87 -26.50 5.22
C ASN C 26 7.48 -26.99 4.81
N LYS C 27 6.72 -26.12 4.16
CA LYS C 27 5.40 -26.46 3.65
C LYS C 27 5.23 -25.94 2.23
N PHE C 28 4.75 -26.80 1.33
CA PHE C 28 4.46 -26.41 -0.03
C PHE C 28 3.14 -25.64 -0.07
N PRO C 29 3.17 -24.40 -0.55
CA PRO C 29 1.97 -23.57 -0.60
C PRO C 29 0.96 -24.11 -1.60
N SER C 30 -0.31 -24.15 -1.23
CA SER C 30 -1.34 -24.75 -2.08
C SER C 30 -2.31 -23.71 -2.66
N GLU C 31 -2.32 -22.52 -2.07
CA GLU C 31 -3.24 -21.47 -2.47
C GLU C 31 -2.53 -20.41 -3.30
N TYR C 32 -2.92 -19.16 -3.09
CA TYR C 32 -2.25 -18.04 -3.72
C TYR C 32 -0.82 -17.91 -3.24
N VAL C 33 0.04 -17.41 -4.13
CA VAL C 33 1.45 -17.29 -3.84
C VAL C 33 1.91 -15.99 -4.47
N PRO C 34 2.88 -15.31 -3.83
CA PRO C 34 3.38 -14.07 -4.43
C PRO C 34 4.02 -14.34 -5.78
N THR C 35 3.89 -13.42 -6.72
CA THR C 35 4.60 -13.53 -7.97
C THR C 35 6.10 -13.51 -7.66
N VAL C 36 6.47 -12.66 -6.72
CA VAL C 36 7.86 -12.53 -6.28
C VAL C 36 7.97 -12.58 -4.75
N PHE C 37 8.53 -13.67 -4.24
CA PHE C 37 8.79 -13.85 -2.82
C PHE C 37 9.68 -12.73 -2.29
N ASP C 38 9.24 -12.07 -1.22
CA ASP C 38 10.06 -11.02 -0.60
C ASP C 38 11.36 -11.61 -0.08
N ASN C 39 12.46 -10.90 -0.29
CA ASN C 39 13.76 -11.43 0.12
C ASN C 39 13.82 -11.69 1.62
N TYR C 40 14.40 -12.84 1.96
CA TYR C 40 14.31 -13.38 3.31
C TYR C 40 15.62 -14.08 3.66
N ALA C 41 16.09 -13.84 4.88
CA ALA C 41 17.33 -14.47 5.35
C ALA C 41 17.03 -15.73 6.15
N VAL C 42 17.95 -16.68 6.10
CA VAL C 42 17.79 -17.94 6.82
C VAL C 42 19.17 -18.40 7.33
N THR C 43 19.20 -19.06 8.48
CA THR C 43 20.43 -19.64 9.00
C THR C 43 20.56 -21.06 8.49
N VAL C 44 21.68 -21.37 7.84
CA VAL C 44 21.93 -22.71 7.33
C VAL C 44 23.21 -23.28 7.97
N MET C 45 23.11 -24.49 8.52
CA MET C 45 24.24 -25.13 9.18
C MET C 45 25.01 -26.06 8.24
N ILE C 46 26.28 -25.75 8.03
CA ILE C 46 27.17 -26.62 7.27
C ILE C 46 28.39 -26.95 8.13
N GLY C 47 28.54 -28.22 8.48
CA GLY C 47 29.67 -28.67 9.28
C GLY C 47 29.77 -28.02 10.65
N GLY C 48 28.62 -27.81 11.28
CA GLY C 48 28.58 -27.23 12.61
C GLY C 48 28.79 -25.73 12.62
N GLU C 49 28.76 -25.12 11.44
CA GLU C 49 28.93 -23.67 11.33
C GLU C 49 27.73 -23.01 10.67
N PRO C 50 27.19 -21.97 11.32
CA PRO C 50 26.01 -21.25 10.82
C PRO C 50 26.36 -20.32 9.67
N TYR C 51 25.63 -20.42 8.57
CA TYR C 51 25.77 -19.48 7.47
C TYR C 51 24.47 -18.72 7.25
N THR C 52 24.57 -17.40 7.12
CA THR C 52 23.40 -16.57 6.87
C THR C 52 23.17 -16.45 5.37
N LEU C 53 22.03 -16.95 4.91
CA LEU C 53 21.75 -17.04 3.48
C LEU C 53 20.62 -16.11 3.08
N GLY C 54 20.95 -15.08 2.30
CA GLY C 54 19.96 -14.13 1.81
C GLY C 54 19.31 -14.62 0.54
N LEU C 55 18.00 -14.85 0.60
CA LEU C 55 17.26 -15.44 -0.50
C LEU C 55 16.47 -14.40 -1.31
N PHE C 56 16.78 -14.28 -2.59
CA PHE C 56 16.14 -13.29 -3.44
C PHE C 56 15.40 -13.94 -4.63
N ASP C 57 14.12 -13.63 -4.76
CA ASP C 57 13.30 -14.14 -5.86
C ASP C 57 13.28 -13.09 -6.97
N THR C 58 12.87 -13.49 -8.17
CA THR C 58 12.78 -12.56 -9.30
C THR C 58 11.56 -12.82 -10.17
N ALA C 59 11.21 -11.84 -11.00
CA ALA C 59 10.21 -12.02 -12.04
C ALA C 59 10.91 -12.49 -13.30
N GLY C 60 10.57 -13.69 -13.77
CA GLY C 60 11.28 -14.29 -14.89
C GLY C 60 10.84 -13.81 -16.26
N GLN C 61 9.63 -13.26 -16.35
CA GLN C 61 9.05 -12.88 -17.63
C GLN C 61 9.79 -11.72 -18.30
N GLU C 62 9.67 -11.64 -19.62
CA GLU C 62 10.44 -10.69 -20.42
C GLU C 62 10.10 -9.23 -20.10
N ASP C 63 8.88 -8.99 -19.64
CA ASP C 63 8.44 -7.65 -19.28
C ASP C 63 9.36 -6.98 -18.27
N TYR C 64 9.93 -7.80 -17.38
CA TYR C 64 10.77 -7.28 -16.30
C TYR C 64 12.27 -7.39 -16.60
N ASP C 65 12.60 -7.53 -17.89
CA ASP C 65 14.00 -7.64 -18.31
C ASP C 65 14.84 -6.43 -17.92
N ARG C 66 14.27 -5.23 -18.04
CA ARG C 66 14.99 -4.00 -17.72
C ARG C 66 15.23 -3.85 -16.23
N LEU C 67 14.26 -4.29 -15.43
CA LEU C 67 14.30 -4.11 -13.98
C LEU C 67 15.20 -5.15 -13.32
N ARG C 68 14.96 -6.42 -13.67
CA ARG C 68 15.60 -7.57 -13.01
C ARG C 68 17.09 -7.46 -12.61
N PRO C 69 17.96 -7.00 -13.53
CA PRO C 69 19.38 -6.96 -13.16
C PRO C 69 19.72 -5.99 -12.03
N LEU C 70 18.82 -5.05 -11.74
CA LEU C 70 19.05 -4.07 -10.68
C LEU C 70 19.20 -4.72 -9.31
N SER C 71 18.73 -5.96 -9.18
CA SER C 71 18.80 -6.70 -7.92
C SER C 71 20.06 -7.54 -7.82
N TYR C 72 20.82 -7.61 -8.92
CA TYR C 72 22.04 -8.43 -8.98
C TYR C 72 23.28 -7.95 -8.21
N PRO C 73 23.45 -6.62 -7.99
CA PRO C 73 24.64 -6.20 -7.24
C PRO C 73 24.91 -6.97 -5.95
N GLN C 74 26.19 -7.19 -5.66
CA GLN C 74 26.66 -8.06 -4.57
C GLN C 74 25.98 -9.42 -4.40
N THR C 75 25.53 -10.01 -5.51
CA THR C 75 25.07 -11.41 -5.49
C THR C 75 26.28 -12.32 -5.28
N ASP C 76 26.12 -13.33 -4.44
CA ASP C 76 27.21 -14.27 -4.18
C ASP C 76 27.05 -15.57 -4.97
N VAL C 77 25.80 -15.95 -5.25
CA VAL C 77 25.52 -17.17 -6.01
C VAL C 77 24.14 -17.12 -6.67
N PHE C 78 24.06 -17.56 -7.92
CA PHE C 78 22.79 -17.61 -8.62
C PHE C 78 22.22 -19.03 -8.68
N LEU C 79 20.89 -19.11 -8.64
CA LEU C 79 20.19 -20.37 -8.89
C LEU C 79 19.45 -20.21 -10.21
N VAL C 80 19.94 -20.87 -11.24
CA VAL C 80 19.30 -20.80 -12.55
C VAL C 80 18.34 -21.99 -12.70
N CYS C 81 17.04 -21.71 -12.62
CA CYS C 81 16.04 -22.76 -12.53
C CYS C 81 15.30 -23.04 -13.84
N PHE C 82 15.08 -24.32 -14.11
CA PHE C 82 14.24 -24.75 -15.22
C PHE C 82 13.42 -25.93 -14.72
N SER C 83 12.21 -26.08 -15.24
CA SER C 83 11.39 -27.25 -14.91
C SER C 83 11.87 -28.43 -15.73
N VAL C 84 12.05 -29.58 -15.08
CA VAL C 84 12.55 -30.76 -15.78
C VAL C 84 11.52 -31.31 -16.78
N VAL C 85 10.29 -30.82 -16.68
CA VAL C 85 9.24 -31.19 -17.63
C VAL C 85 8.87 -30.04 -18.57
N SER C 86 9.70 -28.99 -18.56
CA SER C 86 9.52 -27.88 -19.51
C SER C 86 10.78 -27.68 -20.34
N PRO C 87 10.81 -28.29 -21.53
CA PRO C 87 11.94 -28.20 -22.46
C PRO C 87 12.27 -26.75 -22.84
N SER C 88 11.25 -25.90 -22.94
CA SER C 88 11.47 -24.50 -23.33
C SER C 88 12.18 -23.72 -22.23
N SER C 89 11.83 -24.01 -20.97
CA SER C 89 12.49 -23.36 -19.84
C SER C 89 13.95 -23.81 -19.75
N PHE C 90 14.21 -25.03 -20.21
CA PHE C 90 15.56 -25.58 -20.20
C PHE C 90 16.41 -24.96 -21.30
N GLU C 91 15.81 -24.74 -22.47
CA GLU C 91 16.52 -24.10 -23.57
C GLU C 91 16.88 -22.65 -23.24
N ASN C 92 16.01 -22.00 -22.48
CA ASN C 92 16.22 -20.61 -22.09
C ASN C 92 17.34 -20.43 -21.07
N VAL C 93 17.71 -21.52 -20.39
CA VAL C 93 18.89 -21.51 -19.54
C VAL C 93 20.08 -21.07 -20.38
N LYS C 94 20.21 -21.68 -21.55
CA LYS C 94 21.32 -21.41 -22.46
C LYS C 94 21.14 -20.12 -23.26
N GLU C 95 19.90 -19.88 -23.72
CA GLU C 95 19.63 -18.73 -24.57
C GLU C 95 19.55 -17.40 -23.83
N LYS C 96 19.11 -17.44 -22.58
CA LYS C 96 18.82 -16.20 -21.86
C LYS C 96 19.49 -16.06 -20.50
N TRP C 97 19.25 -17.00 -19.60
CA TRP C 97 19.58 -16.82 -18.19
C TRP C 97 21.08 -16.74 -17.85
N VAL C 98 21.87 -17.72 -18.29
CA VAL C 98 23.32 -17.59 -18.07
C VAL C 98 23.98 -16.43 -18.84
N PRO C 99 23.55 -16.15 -20.09
CA PRO C 99 24.11 -14.93 -20.69
C PRO C 99 23.69 -13.68 -19.92
N GLU C 100 22.47 -13.67 -19.38
CA GLU C 100 22.01 -12.52 -18.60
C GLU C 100 22.85 -12.28 -17.35
N ILE C 101 23.09 -13.33 -16.58
CA ILE C 101 23.82 -13.18 -15.32
C ILE C 101 25.33 -13.02 -15.52
N THR C 102 25.87 -13.52 -16.64
CA THR C 102 27.29 -13.31 -16.94
C THR C 102 27.56 -11.91 -17.49
N HIS C 103 26.55 -11.32 -18.13
CA HIS C 103 26.64 -9.95 -18.63
C HIS C 103 26.35 -8.94 -17.51
N HIS C 104 25.34 -9.24 -16.69
CA HIS C 104 24.89 -8.29 -15.67
C HIS C 104 25.47 -8.54 -14.29
N CYS C 105 26.18 -9.65 -14.12
CA CYS C 105 26.82 -9.95 -12.84
C CYS C 105 27.98 -10.93 -13.02
N PRO C 106 29.06 -10.47 -13.70
CA PRO C 106 30.19 -11.32 -14.06
C PRO C 106 30.92 -11.90 -12.85
N LYS C 107 31.66 -12.99 -13.07
CA LYS C 107 32.50 -13.61 -12.05
C LYS C 107 31.70 -14.06 -10.81
N THR C 108 30.43 -14.38 -11.01
CA THR C 108 29.56 -14.84 -9.93
C THR C 108 29.11 -16.27 -10.19
N PRO C 109 29.37 -17.17 -9.23
CA PRO C 109 29.07 -18.60 -9.41
C PRO C 109 27.58 -18.84 -9.52
N PHE C 110 27.18 -19.83 -10.30
CA PHE C 110 25.77 -20.19 -10.39
C PHE C 110 25.56 -21.70 -10.40
N LEU C 111 24.41 -22.11 -9.85
CA LEU C 111 24.00 -23.50 -9.88
C LEU C 111 22.95 -23.67 -10.96
N LEU C 112 22.94 -24.84 -11.60
CA LEU C 112 21.86 -25.19 -12.53
C LEU C 112 20.84 -26.01 -11.75
N VAL C 113 19.61 -25.53 -11.67
CA VAL C 113 18.62 -26.15 -10.80
C VAL C 113 17.39 -26.69 -11.54
N GLY C 114 17.24 -28.01 -11.58
CA GLY C 114 16.06 -28.63 -12.14
C GLY C 114 14.92 -28.63 -11.14
N THR C 115 13.75 -28.16 -11.54
CA THR C 115 12.63 -28.06 -10.62
C THR C 115 11.48 -28.98 -10.98
N GLN C 116 10.58 -29.19 -10.02
CA GLN C 116 9.35 -29.96 -10.23
C GLN C 116 9.62 -31.38 -10.73
N ILE C 117 10.58 -32.05 -10.12
CA ILE C 117 10.97 -33.40 -10.54
C ILE C 117 9.91 -34.45 -10.25
N ASP C 118 8.95 -34.10 -9.40
CA ASP C 118 7.85 -35.02 -9.09
C ASP C 118 6.96 -35.22 -10.32
N LEU C 119 6.99 -34.24 -11.22
CA LEU C 119 6.17 -34.25 -12.42
C LEU C 119 6.65 -35.22 -13.49
N ARG C 120 7.84 -35.78 -13.32
CA ARG C 120 8.33 -36.81 -14.23
C ARG C 120 7.56 -38.11 -14.03
N ASP C 121 6.82 -38.18 -12.92
CA ASP C 121 5.97 -39.33 -12.63
C ASP C 121 4.48 -38.97 -12.73
N ASP C 122 4.18 -37.78 -13.24
CA ASP C 122 2.79 -37.36 -13.39
C ASP C 122 2.21 -37.77 -14.73
N PRO C 123 1.19 -38.63 -14.71
CA PRO C 123 0.56 -39.24 -15.88
C PRO C 123 0.14 -38.21 -16.92
N SER C 124 -0.43 -37.09 -16.47
CA SER C 124 -0.93 -36.06 -17.38
C SER C 124 0.21 -35.26 -18.04
N THR C 125 1.23 -34.92 -17.25
CA THR C 125 2.37 -34.19 -17.76
C THR C 125 3.10 -34.97 -18.84
N ILE C 126 3.41 -36.23 -18.53
CA ILE C 126 4.17 -37.08 -19.45
C ILE C 126 3.38 -37.46 -20.70
N GLU C 127 2.05 -37.60 -20.56
CA GLU C 127 1.20 -37.88 -21.71
C GLU C 127 1.25 -36.70 -22.68
N LYS C 128 1.21 -35.49 -22.14
CA LYS C 128 1.22 -34.27 -22.95
C LYS C 128 2.54 -34.11 -23.70
N LEU C 129 3.65 -34.32 -22.98
CA LEU C 129 4.98 -34.23 -23.56
C LEU C 129 5.17 -35.22 -24.71
N ALA C 130 4.73 -36.46 -24.50
CA ALA C 130 4.85 -37.50 -25.52
C ALA C 130 4.01 -37.18 -26.76
N LYS C 131 2.85 -36.57 -26.55
CA LYS C 131 1.97 -36.22 -27.67
C LYS C 131 2.49 -35.04 -28.47
N ASN C 132 3.38 -34.26 -27.87
CA ASN C 132 4.01 -33.14 -28.56
C ASN C 132 5.41 -33.52 -29.02
N LYS C 133 5.69 -34.82 -29.02
CA LYS C 133 7.00 -35.36 -29.37
C LYS C 133 8.11 -34.75 -28.53
N GLN C 134 7.81 -34.51 -27.26
CA GLN C 134 8.78 -33.97 -26.32
C GLN C 134 9.07 -34.97 -25.21
N LYS C 135 9.98 -34.61 -24.33
CA LYS C 135 10.39 -35.47 -23.21
C LYS C 135 10.95 -34.61 -22.09
N PRO C 136 10.88 -35.13 -20.85
CA PRO C 136 11.49 -34.42 -19.72
C PRO C 136 13.01 -34.40 -19.81
N ILE C 137 13.62 -33.37 -19.22
CA ILE C 137 15.07 -33.28 -19.17
C ILE C 137 15.60 -34.34 -18.21
N THR C 138 16.54 -35.17 -18.65
CA THR C 138 17.18 -36.13 -17.77
C THR C 138 18.32 -35.44 -17.04
N PRO C 139 18.70 -35.93 -15.85
CA PRO C 139 19.80 -35.32 -15.10
C PRO C 139 21.09 -35.32 -15.90
N GLU C 140 21.24 -36.31 -16.78
CA GLU C 140 22.46 -36.47 -17.57
C GLU C 140 22.67 -35.38 -18.62
N THR C 141 21.62 -35.01 -19.35
CA THR C 141 21.74 -33.91 -20.31
C THR C 141 21.78 -32.55 -19.61
N ALA C 142 21.25 -32.50 -18.39
CA ALA C 142 21.33 -31.28 -17.58
C ALA C 142 22.74 -31.09 -17.04
N GLU C 143 23.34 -32.19 -16.57
CA GLU C 143 24.72 -32.18 -16.10
C GLU C 143 25.69 -31.76 -17.20
N LYS C 144 25.41 -32.17 -18.43
CA LYS C 144 26.22 -31.82 -19.58
C LYS C 144 26.11 -30.33 -19.87
N LEU C 145 24.89 -29.82 -19.78
CA LEU C 145 24.62 -28.40 -19.99
C LEU C 145 25.35 -27.59 -18.91
N ALA C 146 25.31 -28.09 -17.68
CA ALA C 146 25.95 -27.42 -16.55
C ALA C 146 27.46 -27.25 -16.77
N ARG C 147 28.12 -28.30 -17.24
CA ARG C 147 29.56 -28.23 -17.47
C ARG C 147 29.89 -27.43 -18.73
N ASP C 148 29.01 -27.52 -19.73
CA ASP C 148 29.14 -26.72 -20.95
C ASP C 148 29.10 -25.24 -20.63
N LEU C 149 28.19 -24.86 -19.73
CA LEU C 149 27.96 -23.46 -19.41
C LEU C 149 28.77 -22.98 -18.21
N LYS C 150 29.63 -23.86 -17.71
CA LYS C 150 30.49 -23.55 -16.56
C LYS C 150 29.71 -23.25 -15.28
N ALA C 151 28.64 -24.02 -15.04
CA ALA C 151 27.94 -23.97 -13.77
C ALA C 151 28.77 -24.74 -12.76
N VAL C 152 28.64 -24.39 -11.48
CA VAL C 152 29.35 -25.12 -10.43
C VAL C 152 28.94 -26.59 -10.47
N LYS C 153 27.63 -26.82 -10.52
CA LYS C 153 27.09 -28.17 -10.70
C LYS C 153 25.60 -28.14 -10.99
N TYR C 154 25.05 -29.29 -11.36
CA TYR C 154 23.61 -29.45 -11.52
C TYR C 154 23.02 -30.10 -10.29
N VAL C 155 21.94 -29.52 -9.77
CA VAL C 155 21.15 -30.15 -8.74
C VAL C 155 19.70 -30.08 -9.17
N GLU C 156 18.85 -30.92 -8.59
CA GLU C 156 17.42 -30.84 -8.87
C GLU C 156 16.59 -31.16 -7.65
N CYS C 157 15.35 -30.68 -7.64
CA CYS C 157 14.49 -30.81 -6.47
C CYS C 157 13.01 -30.77 -6.85
N SER C 158 12.17 -30.99 -5.85
CA SER C 158 10.73 -30.82 -6.00
C SER C 158 10.26 -29.98 -4.83
N ALA C 159 9.62 -28.85 -5.11
CA ALA C 159 9.08 -28.02 -4.02
C ALA C 159 7.91 -28.73 -3.34
N LEU C 160 7.20 -29.55 -4.11
CA LEU C 160 6.01 -30.24 -3.61
C LEU C 160 6.34 -31.34 -2.61
N THR C 161 7.35 -32.15 -2.93
CA THR C 161 7.72 -33.27 -2.07
C THR C 161 8.93 -32.92 -1.19
N GLN C 162 9.57 -31.79 -1.50
CA GLN C 162 10.78 -31.33 -0.80
C GLN C 162 11.98 -32.27 -0.97
N LYS C 163 11.87 -33.23 -1.89
CA LYS C 163 12.99 -34.11 -2.21
C LYS C 163 14.09 -33.31 -2.87
N GLY C 164 15.29 -33.35 -2.28
CA GLY C 164 16.44 -32.67 -2.84
C GLY C 164 16.46 -31.17 -2.56
N LEU C 165 15.37 -30.66 -1.99
CA LEU C 165 15.22 -29.22 -1.78
C LEU C 165 16.26 -28.62 -0.82
N LYS C 166 16.48 -29.30 0.31
CA LYS C 166 17.48 -28.85 1.28
C LYS C 166 18.87 -28.79 0.67
N ASN C 167 19.21 -29.84 -0.08
CA ASN C 167 20.53 -29.95 -0.70
C ASN C 167 20.85 -28.81 -1.67
N VAL C 168 19.83 -28.31 -2.35
CA VAL C 168 20.01 -27.23 -3.32
C VAL C 168 20.67 -26.00 -2.70
N PHE C 169 20.17 -25.61 -1.53
CA PHE C 169 20.69 -24.43 -0.85
C PHE C 169 21.97 -24.74 -0.08
N ASP C 170 22.19 -26.01 0.22
CA ASP C 170 23.47 -26.46 0.76
C ASP C 170 24.56 -26.26 -0.29
N GLU C 171 24.28 -26.69 -1.51
CA GLU C 171 25.22 -26.55 -2.62
C GLU C 171 25.46 -25.09 -2.98
N ALA C 172 24.41 -24.28 -2.89
CA ALA C 172 24.52 -22.85 -3.20
C ALA C 172 25.51 -22.15 -2.29
N ILE C 173 25.49 -22.52 -1.01
CA ILE C 173 26.42 -21.95 -0.03
C ILE C 173 27.85 -22.39 -0.33
N LEU C 174 28.03 -23.68 -0.62
CA LEU C 174 29.34 -24.20 -1.01
C LEU C 174 29.88 -23.48 -2.24
N ALA C 175 29.00 -23.30 -3.24
CA ALA C 175 29.36 -22.60 -4.47
C ALA C 175 29.84 -21.19 -4.19
N ALA C 176 29.27 -20.56 -3.17
CA ALA C 176 29.63 -19.19 -2.79
C ALA C 176 30.91 -19.15 -1.95
N LEU C 177 31.20 -20.25 -1.26
CA LEU C 177 32.37 -20.32 -0.38
C LEU C 177 33.63 -20.79 -1.11
N GLU C 178 33.46 -21.62 -2.13
CA GLU C 178 34.58 -22.14 -2.91
C GLU C 178 35.38 -21.02 -3.59
N THR D 3 18.09 -14.90 17.34
CA THR D 3 17.61 -13.53 17.46
C THR D 3 17.32 -13.17 18.92
N ILE D 4 17.83 -12.03 19.36
CA ILE D 4 17.46 -11.46 20.64
C ILE D 4 16.44 -10.35 20.38
N LYS D 5 15.22 -10.54 20.90
CA LYS D 5 14.14 -9.59 20.63
C LYS D 5 14.14 -8.43 21.60
N CYS D 6 14.37 -7.22 21.08
CA CYS D 6 14.38 -6.02 21.89
C CYS D 6 13.21 -5.11 21.52
N VAL D 7 12.33 -4.86 22.48
CA VAL D 7 11.13 -4.04 22.22
C VAL D 7 11.24 -2.67 22.88
N VAL D 8 11.14 -1.62 22.07
CA VAL D 8 11.26 -0.25 22.56
C VAL D 8 9.90 0.35 22.87
N VAL D 9 9.67 0.69 24.14
CA VAL D 9 8.40 1.27 24.57
C VAL D 9 8.61 2.61 25.29
N GLY D 10 7.52 3.35 25.45
CA GLY D 10 7.58 4.66 26.09
C GLY D 10 6.59 5.62 25.46
N ASP D 11 6.42 6.78 26.09
CA ASP D 11 5.46 7.77 25.61
C ASP D 11 5.79 8.31 24.21
N GLY D 12 4.81 8.92 23.57
CA GLY D 12 5.02 9.55 22.28
C GLY D 12 6.00 10.69 22.41
N ALA D 13 6.79 10.92 21.35
CA ALA D 13 7.72 12.04 21.26
C ALA D 13 8.95 11.99 22.18
N VAL D 14 9.18 10.87 22.85
CA VAL D 14 10.41 10.70 23.65
C VAL D 14 11.59 10.34 22.76
N GLY D 15 11.32 9.98 21.52
CA GLY D 15 12.37 9.71 20.55
C GLY D 15 12.69 8.24 20.38
N LYS D 16 11.68 7.39 20.52
CA LYS D 16 11.87 5.95 20.32
C LYS D 16 12.33 5.62 18.91
N THR D 17 11.61 6.15 17.93
CA THR D 17 11.90 5.88 16.51
C THR D 17 13.27 6.42 16.10
N CYS D 18 13.56 7.66 16.48
CA CYS D 18 14.81 8.30 16.09
C CYS D 18 16.04 7.58 16.60
N LEU D 19 15.97 7.03 17.81
CA LEU D 19 17.12 6.34 18.39
C LEU D 19 17.39 5.01 17.69
N LEU D 20 16.32 4.35 17.24
CA LEU D 20 16.44 3.10 16.51
C LEU D 20 17.03 3.34 15.12
N ILE D 21 16.60 4.43 14.48
CA ILE D 21 17.14 4.82 13.19
C ILE D 21 18.58 5.31 13.32
N SER D 22 18.84 6.13 14.33
CA SER D 22 20.19 6.65 14.58
C SER D 22 21.17 5.51 14.82
N TYR D 23 20.74 4.51 15.60
CA TYR D 23 21.58 3.37 15.93
C TYR D 23 21.84 2.43 14.74
N THR D 24 20.82 2.22 13.92
CA THR D 24 20.92 1.28 12.80
C THR D 24 21.50 1.88 11.52
N THR D 25 21.44 3.20 11.40
CA THR D 25 21.93 3.88 10.19
C THR D 25 23.18 4.71 10.44
N ASN D 26 23.52 4.89 11.72
CA ASN D 26 24.62 5.76 12.15
C ASN D 26 24.39 7.23 11.80
N LYS D 27 23.13 7.57 11.49
CA LYS D 27 22.75 8.94 11.18
C LYS D 27 21.48 9.33 11.92
N PHE D 28 21.48 10.52 12.52
CA PHE D 28 20.27 11.07 13.11
C PHE D 28 19.36 11.57 12.00
N PRO D 29 18.15 11.01 11.89
CA PRO D 29 17.20 11.43 10.85
C PRO D 29 16.66 12.83 11.13
N SER D 30 16.71 13.70 10.13
CA SER D 30 16.41 15.13 10.32
C SER D 30 15.10 15.58 9.66
N GLU D 31 14.55 14.74 8.80
CA GLU D 31 13.30 15.07 8.10
C GLU D 31 12.15 14.26 8.66
N TYR D 32 11.36 13.69 7.76
CA TYR D 32 10.27 12.82 8.16
C TYR D 32 10.81 11.50 8.70
N VAL D 33 9.99 10.83 9.49
CA VAL D 33 10.39 9.63 10.18
C VAL D 33 9.12 8.82 10.41
N PRO D 34 9.22 7.50 10.33
CA PRO D 34 8.03 6.67 10.58
C PRO D 34 7.52 6.89 12.00
N THR D 35 6.21 6.81 12.19
CA THR D 35 5.67 6.80 13.55
C THR D 35 6.19 5.55 14.22
N VAL D 36 6.19 4.45 13.47
CA VAL D 36 6.70 3.17 13.96
C VAL D 36 7.69 2.52 12.99
N PHE D 37 8.97 2.56 13.36
CA PHE D 37 10.07 1.88 12.66
C PHE D 37 9.72 0.41 12.40
N ASP D 38 9.79 -0.02 11.14
CA ASP D 38 9.60 -1.43 10.81
C ASP D 38 10.66 -2.24 11.56
N ASN D 39 10.27 -3.39 12.11
CA ASN D 39 11.23 -4.18 12.88
C ASN D 39 12.41 -4.61 12.04
N TYR D 40 13.59 -4.53 12.63
CA TYR D 40 14.85 -4.59 11.90
C TYR D 40 15.86 -5.42 12.68
N ALA D 41 16.65 -6.21 11.97
CA ALA D 41 17.65 -7.06 12.59
C ALA D 41 19.07 -6.60 12.26
N VAL D 42 19.92 -6.57 13.28
CA VAL D 42 21.29 -6.06 13.15
C VAL D 42 22.23 -7.02 13.88
N THR D 43 23.47 -7.13 13.41
CA THR D 43 24.45 -7.98 14.09
C THR D 43 25.36 -7.18 15.01
N VAL D 44 25.36 -7.54 16.30
CA VAL D 44 26.17 -6.82 17.29
C VAL D 44 27.27 -7.72 17.84
N MET D 45 28.50 -7.20 17.88
CA MET D 45 29.64 -7.94 18.41
C MET D 45 29.82 -7.64 19.90
N ILE D 46 29.68 -8.67 20.73
CA ILE D 46 29.93 -8.55 22.17
C ILE D 46 31.02 -9.51 22.61
N GLY D 47 32.20 -8.97 22.91
CA GLY D 47 33.33 -9.77 23.33
C GLY D 47 33.77 -10.83 22.33
N GLY D 48 33.89 -10.43 21.06
CA GLY D 48 34.31 -11.36 20.02
C GLY D 48 33.19 -12.23 19.48
N GLU D 49 32.11 -12.35 20.25
CA GLU D 49 30.96 -13.16 19.84
C GLU D 49 29.97 -12.29 19.07
N PRO D 50 29.34 -12.87 18.02
CA PRO D 50 28.30 -12.18 17.27
C PRO D 50 26.92 -12.43 17.86
N TYR D 51 26.07 -11.41 17.85
CA TYR D 51 24.70 -11.54 18.33
C TYR D 51 23.72 -10.87 17.36
N THR D 52 22.57 -11.49 17.14
CA THR D 52 21.54 -10.91 16.29
C THR D 52 20.47 -10.21 17.12
N LEU D 53 20.46 -8.88 17.04
CA LEU D 53 19.51 -8.06 17.79
C LEU D 53 18.30 -7.75 16.91
N GLY D 54 17.12 -8.16 17.37
CA GLY D 54 15.89 -7.87 16.66
C GLY D 54 15.18 -6.68 17.29
N LEU D 55 15.16 -5.56 16.57
CA LEU D 55 14.68 -4.29 17.14
C LEU D 55 13.25 -3.97 16.73
N PHE D 56 12.38 -3.80 17.73
CA PHE D 56 10.97 -3.51 17.49
C PHE D 56 10.57 -2.14 18.06
N ASP D 57 9.96 -1.31 17.22
CA ASP D 57 9.44 -0.02 17.66
C ASP D 57 7.98 -0.21 18.08
N THR D 58 7.44 0.72 18.86
CA THR D 58 6.04 0.67 19.26
C THR D 58 5.38 2.04 19.18
N ALA D 59 4.05 2.04 19.17
CA ALA D 59 3.28 3.27 19.31
C ALA D 59 2.85 3.42 20.76
N GLY D 60 3.32 4.48 21.41
CA GLY D 60 3.13 4.62 22.84
C GLY D 60 1.80 5.18 23.29
N GLN D 61 1.06 5.80 22.37
CA GLN D 61 -0.19 6.46 22.73
C GLN D 61 -1.26 5.51 23.27
N GLU D 62 -2.22 6.09 23.98
CA GLU D 62 -3.31 5.34 24.62
C GLU D 62 -4.21 4.69 23.57
N ASP D 63 -4.25 5.27 22.37
CA ASP D 63 -5.02 4.75 21.25
C ASP D 63 -4.65 3.29 20.94
N TYR D 64 -3.41 2.92 21.24
CA TYR D 64 -2.88 1.62 20.86
C TYR D 64 -2.67 0.69 22.07
N ASP D 65 -3.27 1.05 23.20
CA ASP D 65 -3.14 0.27 24.44
C ASP D 65 -3.47 -1.21 24.27
N ARG D 66 -4.51 -1.50 23.49
CA ARG D 66 -4.99 -2.86 23.33
C ARG D 66 -4.21 -3.63 22.26
N LEU D 67 -3.65 -2.90 21.30
CA LEU D 67 -2.93 -3.51 20.19
C LEU D 67 -1.46 -3.75 20.52
N ARG D 68 -0.80 -2.71 21.00
CA ARG D 68 0.64 -2.73 21.31
C ARG D 68 1.21 -4.00 21.97
N PRO D 69 0.59 -4.51 23.05
CA PRO D 69 1.16 -5.68 23.72
C PRO D 69 1.16 -6.95 22.87
N LEU D 70 0.38 -6.97 21.79
CA LEU D 70 0.36 -8.14 20.90
C LEU D 70 1.71 -8.35 20.19
N SER D 71 2.63 -7.40 20.39
CA SER D 71 3.99 -7.51 19.85
C SER D 71 4.96 -8.00 20.93
N TYR D 72 4.50 -8.04 22.17
CA TYR D 72 5.33 -8.48 23.30
C TYR D 72 5.76 -9.96 23.36
N PRO D 73 4.93 -10.91 22.86
CA PRO D 73 5.34 -12.31 22.97
C PRO D 73 6.78 -12.62 22.52
N GLN D 74 7.40 -13.58 23.19
CA GLN D 74 8.84 -13.88 23.08
C GLN D 74 9.81 -12.70 22.99
N THR D 75 9.52 -11.62 23.74
CA THR D 75 10.47 -10.53 23.91
C THR D 75 11.55 -10.95 24.91
N ASP D 76 12.79 -10.63 24.60
CA ASP D 76 13.92 -11.02 25.45
C ASP D 76 14.40 -9.89 26.36
N VAL D 77 14.11 -8.65 25.97
CA VAL D 77 14.50 -7.48 26.75
C VAL D 77 13.71 -6.24 26.32
N PHE D 78 13.27 -5.45 27.28
CA PHE D 78 12.56 -4.22 26.99
C PHE D 78 13.43 -2.98 27.13
N LEU D 79 13.12 -1.95 26.35
CA LEU D 79 13.72 -0.63 26.51
C LEU D 79 12.61 0.34 26.88
N VAL D 80 12.51 0.66 28.17
CA VAL D 80 11.52 1.62 28.64
C VAL D 80 12.11 3.03 28.58
N CYS D 81 11.69 3.81 27.60
CA CYS D 81 12.30 5.11 27.33
C CYS D 81 11.50 6.29 27.87
N PHE D 82 12.21 7.33 28.30
CA PHE D 82 11.62 8.61 28.66
C PHE D 82 12.58 9.70 28.24
N SER D 83 12.05 10.88 27.92
CA SER D 83 12.90 12.02 27.62
C SER D 83 13.33 12.71 28.91
N VAL D 84 14.64 12.91 29.07
CA VAL D 84 15.16 13.52 30.29
C VAL D 84 14.73 14.98 30.46
N VAL D 85 14.12 15.57 29.42
CA VAL D 85 13.58 16.91 29.53
C VAL D 85 12.05 16.92 29.45
N SER D 86 11.45 15.74 29.64
CA SER D 86 10.00 15.62 29.72
C SER D 86 9.61 14.80 30.95
N PRO D 87 9.41 15.48 32.09
CA PRO D 87 9.07 14.85 33.36
C PRO D 87 7.80 14.00 33.30
N SER D 88 6.85 14.36 32.45
CA SER D 88 5.60 13.61 32.33
C SER D 88 5.83 12.24 31.71
N SER D 89 6.82 12.15 30.82
CA SER D 89 7.21 10.88 30.23
C SER D 89 7.98 10.05 31.26
N PHE D 90 8.65 10.73 32.18
CA PHE D 90 9.37 10.05 33.27
C PHE D 90 8.39 9.45 34.26
N GLU D 91 7.34 10.21 34.57
CA GLU D 91 6.32 9.74 35.50
C GLU D 91 5.53 8.55 34.94
N ASN D 92 5.35 8.54 33.62
CA ASN D 92 4.64 7.44 32.96
C ASN D 92 5.44 6.14 32.93
N VAL D 93 6.75 6.25 33.17
CA VAL D 93 7.58 5.06 33.32
C VAL D 93 7.05 4.22 34.48
N LYS D 94 6.77 4.87 35.61
CA LYS D 94 6.25 4.18 36.79
C LYS D 94 4.75 3.88 36.69
N GLU D 95 3.99 4.85 36.18
CA GLU D 95 2.54 4.76 36.15
C GLU D 95 1.99 3.80 35.09
N LYS D 96 2.65 3.75 33.93
CA LYS D 96 2.12 2.99 32.81
C LYS D 96 3.05 1.89 32.30
N TRP D 97 4.27 2.26 31.94
CA TRP D 97 5.12 1.38 31.13
C TRP D 97 5.64 0.13 31.83
N VAL D 98 6.24 0.28 33.00
CA VAL D 98 6.67 -0.91 33.74
C VAL D 98 5.50 -1.80 34.24
N PRO D 99 4.37 -1.20 34.69
CA PRO D 99 3.26 -2.12 34.99
C PRO D 99 2.80 -2.87 33.74
N GLU D 100 2.77 -2.21 32.60
CA GLU D 100 2.32 -2.85 31.36
C GLU D 100 3.20 -4.03 30.94
N ILE D 101 4.51 -3.83 30.95
CA ILE D 101 5.43 -4.89 30.53
C ILE D 101 5.58 -6.01 31.56
N THR D 102 5.50 -5.67 32.85
CA THR D 102 5.55 -6.70 33.88
C THR D 102 4.27 -7.53 33.93
N HIS D 103 3.16 -6.96 33.47
CA HIS D 103 1.92 -7.71 33.41
C HIS D 103 1.93 -8.71 32.25
N HIS D 104 2.54 -8.32 31.14
CA HIS D 104 2.57 -9.18 29.96
C HIS D 104 3.78 -10.11 29.94
N CYS D 105 4.90 -9.62 30.45
CA CYS D 105 6.15 -10.38 30.46
C CYS D 105 6.89 -10.19 31.79
N PRO D 106 6.40 -10.84 32.86
CA PRO D 106 6.85 -10.60 34.23
C PRO D 106 8.31 -11.00 34.50
N LYS D 107 8.85 -11.90 33.68
CA LYS D 107 10.20 -12.40 33.89
C LYS D 107 11.19 -11.80 32.91
N THR D 108 10.68 -11.01 31.96
CA THR D 108 11.50 -10.40 30.93
C THR D 108 12.22 -9.16 31.47
N PRO D 109 13.56 -9.11 31.32
CA PRO D 109 14.38 -8.01 31.84
C PRO D 109 14.06 -6.71 31.11
N PHE D 110 14.28 -5.57 31.76
CA PHE D 110 14.10 -4.29 31.08
C PHE D 110 15.13 -3.25 31.48
N LEU D 111 15.44 -2.35 30.55
CA LEU D 111 16.34 -1.25 30.80
C LEU D 111 15.55 0.04 30.94
N LEU D 112 15.96 0.91 31.87
CA LEU D 112 15.40 2.25 31.92
C LEU D 112 16.27 3.15 31.04
N VAL D 113 15.66 3.78 30.05
CA VAL D 113 16.44 4.54 29.07
C VAL D 113 16.07 6.02 29.02
N GLY D 114 17.01 6.88 29.37
CA GLY D 114 16.82 8.31 29.24
C GLY D 114 17.21 8.75 27.84
N THR D 115 16.39 9.58 27.21
CA THR D 115 16.64 10.01 25.84
C THR D 115 16.83 11.52 25.73
N GLN D 116 17.32 11.95 24.58
CA GLN D 116 17.46 13.37 24.26
C GLN D 116 18.27 14.15 25.30
N ILE D 117 19.34 13.52 25.79
CA ILE D 117 20.15 14.13 26.85
C ILE D 117 20.91 15.37 26.36
N ASP D 118 20.98 15.55 25.05
CA ASP D 118 21.64 16.72 24.48
C ASP D 118 20.85 17.99 24.80
N LEU D 119 19.58 17.82 25.12
CA LEU D 119 18.69 18.94 25.42
C LEU D 119 18.82 19.46 26.85
N ARG D 120 19.54 18.73 27.69
CA ARG D 120 19.85 19.23 29.03
C ARG D 120 20.82 20.40 28.91
N ASP D 121 21.54 20.45 27.79
CA ASP D 121 22.44 21.55 27.50
C ASP D 121 21.84 22.48 26.45
N ASP D 122 20.51 22.54 26.41
CA ASP D 122 19.81 23.44 25.50
C ASP D 122 19.09 24.54 26.28
N PRO D 123 19.67 25.76 26.27
CA PRO D 123 19.20 26.92 27.02
C PRO D 123 17.70 27.20 26.84
N SER D 124 17.22 27.09 25.61
CA SER D 124 15.79 27.28 25.34
C SER D 124 14.93 26.22 26.05
N THR D 125 15.41 24.98 26.03
CA THR D 125 14.69 23.86 26.62
C THR D 125 14.53 24.01 28.13
N ILE D 126 15.63 24.31 28.82
CA ILE D 126 15.61 24.43 30.28
C ILE D 126 14.84 25.66 30.76
N GLU D 127 14.92 26.74 29.99
CA GLU D 127 14.23 27.99 30.30
C GLU D 127 12.72 27.80 30.16
N LYS D 128 12.33 26.88 29.28
CA LYS D 128 10.92 26.60 29.04
C LYS D 128 10.38 25.66 30.12
N LEU D 129 11.24 24.78 30.62
CA LEU D 129 10.88 23.90 31.73
C LEU D 129 10.77 24.71 33.01
N ALA D 130 11.76 25.59 33.22
CA ALA D 130 11.80 26.44 34.40
C ALA D 130 10.60 27.37 34.49
N LYS D 131 10.16 27.89 33.34
CA LYS D 131 8.95 28.72 33.30
C LYS D 131 7.71 27.90 33.63
N ASN D 132 7.84 26.59 33.62
CA ASN D 132 6.75 25.70 33.99
C ASN D 132 7.01 25.08 35.35
N LYS D 133 8.04 25.60 36.04
CA LYS D 133 8.47 25.08 37.33
C LYS D 133 8.84 23.62 37.25
N GLN D 134 9.51 23.25 36.16
CA GLN D 134 10.04 21.90 35.97
C GLN D 134 11.53 21.98 35.67
N LYS D 135 12.17 20.82 35.69
CA LYS D 135 13.60 20.71 35.42
C LYS D 135 13.87 19.35 34.78
N PRO D 136 14.99 19.23 34.05
CA PRO D 136 15.35 17.94 33.44
C PRO D 136 15.54 16.85 34.48
N ILE D 137 15.37 15.59 34.08
CA ILE D 137 15.61 14.46 34.96
C ILE D 137 17.11 14.28 35.13
N THR D 138 17.57 14.10 36.36
CA THR D 138 18.98 13.90 36.64
C THR D 138 19.29 12.41 36.63
N PRO D 139 20.56 12.04 36.38
CA PRO D 139 20.93 10.62 36.44
C PRO D 139 20.70 10.05 37.82
N GLU D 140 20.80 10.90 38.85
CA GLU D 140 20.57 10.48 40.22
C GLU D 140 19.15 9.93 40.43
N THR D 141 18.14 10.70 40.05
CA THR D 141 16.76 10.28 40.27
C THR D 141 16.34 9.14 39.34
N ALA D 142 16.90 9.12 38.14
CA ALA D 142 16.61 8.06 37.18
C ALA D 142 17.17 6.73 37.67
N GLU D 143 18.37 6.75 38.22
CA GLU D 143 18.99 5.54 38.75
C GLU D 143 18.23 5.03 39.97
N LYS D 144 17.69 5.95 40.76
CA LYS D 144 16.84 5.57 41.91
C LYS D 144 15.60 4.84 41.41
N LEU D 145 14.97 5.40 40.39
CA LEU D 145 13.77 4.81 39.79
C LEU D 145 14.07 3.41 39.25
N ALA D 146 15.23 3.28 38.60
CA ALA D 146 15.63 2.01 38.01
C ALA D 146 15.75 0.90 39.05
N ARG D 147 16.26 1.23 40.24
CA ARG D 147 16.40 0.23 41.29
C ARG D 147 15.09 0.03 42.08
N ASP D 148 14.30 1.09 42.18
CA ASP D 148 12.98 0.98 42.81
C ASP D 148 12.04 0.12 41.97
N LEU D 149 12.18 0.21 40.65
CA LEU D 149 11.31 -0.55 39.75
C LEU D 149 11.98 -1.82 39.24
N LYS D 150 13.18 -2.10 39.77
CA LYS D 150 13.92 -3.31 39.46
C LYS D 150 14.31 -3.43 37.98
N ALA D 151 14.72 -2.31 37.38
CA ALA D 151 15.31 -2.33 36.05
C ALA D 151 16.69 -2.96 36.18
N VAL D 152 17.21 -3.53 35.09
CA VAL D 152 18.56 -4.08 35.09
C VAL D 152 19.55 -2.95 35.41
N LYS D 153 19.35 -1.82 34.75
CA LYS D 153 20.07 -0.58 35.07
C LYS D 153 19.48 0.60 34.32
N TYR D 154 19.99 1.80 34.61
CA TYR D 154 19.63 3.00 33.86
C TYR D 154 20.72 3.35 32.87
N VAL D 155 20.31 3.62 31.64
CA VAL D 155 21.23 4.13 30.63
C VAL D 155 20.59 5.36 30.00
N GLU D 156 21.40 6.28 29.51
CA GLU D 156 20.86 7.43 28.81
C GLU D 156 21.68 7.75 27.56
N CYS D 157 21.02 8.37 26.58
CA CYS D 157 21.67 8.61 25.31
C CYS D 157 21.08 9.82 24.59
N SER D 158 21.72 10.19 23.50
CA SER D 158 21.20 11.20 22.59
C SER D 158 21.24 10.60 21.19
N ALA D 159 20.08 10.50 20.55
CA ALA D 159 20.03 9.99 19.19
C ALA D 159 20.68 10.98 18.23
N LEU D 160 20.65 12.26 18.62
CA LEU D 160 21.17 13.35 17.79
C LEU D 160 22.71 13.37 17.73
N THR D 161 23.35 13.17 18.88
CA THR D 161 24.81 13.18 18.96
C THR D 161 25.39 11.77 18.97
N GLN D 162 24.52 10.78 19.10
CA GLN D 162 24.90 9.37 19.22
C GLN D 162 25.63 9.04 20.53
N LYS D 163 25.68 10.01 21.43
CA LYS D 163 26.34 9.81 22.72
C LYS D 163 25.57 8.78 23.56
N GLY D 164 26.26 7.74 23.98
CA GLY D 164 25.67 6.71 24.82
C GLY D 164 24.79 5.74 24.07
N LEU D 165 24.58 6.00 22.78
CA LEU D 165 23.64 5.22 21.97
C LEU D 165 24.07 3.76 21.78
N LYS D 166 25.33 3.53 21.44
CA LYS D 166 25.84 2.18 21.23
C LYS D 166 25.77 1.35 22.50
N ASN D 167 26.09 1.98 23.63
CA ASN D 167 26.07 1.31 24.92
C ASN D 167 24.68 0.84 25.32
N VAL D 168 23.67 1.64 24.97
CA VAL D 168 22.27 1.30 25.26
C VAL D 168 21.94 -0.11 24.79
N PHE D 169 22.31 -0.42 23.56
CA PHE D 169 21.97 -1.69 22.94
C PHE D 169 22.95 -2.81 23.31
N ASP D 170 24.18 -2.44 23.64
CA ASP D 170 25.13 -3.40 24.20
C ASP D 170 24.58 -3.91 25.53
N GLU D 171 24.11 -2.98 26.37
CA GLU D 171 23.50 -3.32 27.65
C GLU D 171 22.18 -4.07 27.49
N ALA D 172 21.45 -3.76 26.42
CA ALA D 172 20.20 -4.44 26.12
C ALA D 172 20.44 -5.93 25.83
N ILE D 173 21.55 -6.21 25.15
CA ILE D 173 21.94 -7.58 24.83
C ILE D 173 22.42 -8.33 26.07
N LEU D 174 23.22 -7.65 26.89
CA LEU D 174 23.74 -8.25 28.12
C LEU D 174 22.62 -8.59 29.09
N ALA D 175 21.59 -7.74 29.11
CA ALA D 175 20.42 -8.00 29.96
C ALA D 175 19.69 -9.25 29.51
N ALA D 176 19.67 -9.48 28.20
CA ALA D 176 18.91 -10.59 27.61
C ALA D 176 19.62 -11.93 27.73
N LEU D 177 20.92 -11.91 27.97
CA LEU D 177 21.70 -13.14 28.10
C LEU D 177 21.87 -13.50 29.59
N GLU D 178 20.75 -13.73 30.26
CA GLU D 178 20.76 -13.93 31.72
C GLU D 178 19.66 -14.92 32.17
N PRO D 179 19.79 -15.47 33.38
CA PRO D 179 18.74 -16.30 33.97
C PRO D 179 17.38 -15.60 34.00
S SO4 E . 11.34 6.18 -1.52
O1 SO4 E . 10.28 6.12 -0.52
O2 SO4 E . 11.07 7.28 -2.45
O3 SO4 E . 12.61 6.42 -0.86
O4 SO4 E . 11.38 4.93 -2.25
S SO4 F . -3.61 -11.51 5.95
O1 SO4 F . -5.06 -11.55 5.94
O2 SO4 F . -3.12 -11.17 4.61
O3 SO4 F . -3.15 -10.52 6.91
O4 SO4 F . -3.09 -12.82 6.32
P AMP G . -8.95 -16.85 -6.29
O1P AMP G . -9.08 -18.17 -5.56
O2P AMP G . -9.59 -15.68 -5.59
O5' AMP G . -9.83 -17.08 -7.60
C5' AMP G . -9.91 -18.35 -8.21
C4' AMP G . -10.34 -18.27 -9.66
O4' AMP G . -9.28 -17.74 -10.47
C3' AMP G . -10.68 -19.60 -10.30
O3' AMP G . -11.99 -20.05 -10.00
C2' AMP G . -10.47 -19.32 -11.79
O2' AMP G . -11.63 -18.74 -12.37
C1' AMP G . -9.36 -18.27 -11.77
N9 AMP G . -8.05 -18.83 -12.14
C8 AMP G . -7.15 -19.38 -11.31
N7 AMP G . -6.04 -19.80 -11.97
C5 AMP G . -6.22 -19.51 -13.28
C6 AMP G . -5.45 -19.70 -14.53
N6 AMP G . -4.22 -20.27 -14.53
N1 AMP G . -6.00 -19.26 -15.68
C2 AMP G . -7.22 -18.69 -15.70
N3 AMP G . -7.97 -18.49 -14.61
C4 AMP G . -7.54 -18.88 -13.38
PB GDP H . 7.43 -19.02 -10.66
O1B GDP H . 6.65 -18.16 -11.63
O2B GDP H . 7.60 -18.29 -9.35
O3B GDP H . 8.79 -19.32 -11.23
O3A GDP H . 6.65 -20.40 -10.41
PA GDP H . 5.68 -20.62 -9.15
O1A GDP H . 4.70 -19.49 -8.98
O2A GDP H . 6.49 -20.82 -7.90
O5' GDP H . 4.93 -21.98 -9.56
C5' GDP H . 3.90 -21.95 -10.55
C4' GDP H . 3.08 -23.25 -10.51
O4' GDP H . 3.97 -24.37 -10.46
C3' GDP H . 2.23 -23.30 -9.26
O3' GDP H . 0.87 -23.61 -9.62
C2' GDP H . 2.79 -24.43 -8.42
O2' GDP H . 1.74 -25.20 -7.85
C1' GDP H . 3.61 -25.25 -9.40
N9 GDP H . 4.83 -25.81 -8.76
C8 GDP H . 5.89 -25.14 -8.27
N7 GDP H . 6.83 -25.99 -7.78
C5 GDP H . 6.37 -27.24 -7.96
C6 GDP H . 6.86 -28.61 -7.67
O6 GDP H . 7.96 -28.82 -7.12
N1 GDP H . 6.08 -29.64 -8.02
C2 GDP H . 4.88 -29.46 -8.61
N2 GDP H . 4.14 -30.55 -8.93
N3 GDP H . 4.38 -28.24 -8.90
C4 GDP H . 5.07 -27.12 -8.60
MG MG I . 7.33 -16.30 -8.75
S SO4 J . 7.19 -26.29 -23.09
O1 SO4 J . 7.26 -26.48 -21.64
O2 SO4 J . 6.84 -24.93 -23.39
O3 SO4 J . 8.49 -26.61 -23.68
O4 SO4 J . 6.19 -27.20 -23.62
P AMP K . 6.54 18.17 5.09
O1P AMP K . 7.96 18.68 5.14
O2P AMP K . 6.06 17.80 3.71
O5' AMP K . 5.68 19.45 5.50
C5' AMP K . 6.15 20.36 6.48
C4' AMP K . 5.03 21.21 7.04
O4' AMP K . 4.27 20.45 8.01
C3' AMP K . 5.48 22.44 7.80
O3' AMP K . 5.83 23.53 6.96
C2' AMP K . 4.29 22.73 8.71
O2' AMP K . 3.28 23.47 8.02
C1' AMP K . 3.76 21.32 9.00
N9 AMP K . 4.17 20.82 10.32
C8 AMP K . 5.28 20.11 10.60
N7 AMP K . 5.34 19.82 11.92
C5 AMP K . 4.26 20.35 12.52
C6 AMP K . 3.72 20.40 13.90
N6 AMP K . 4.36 19.81 14.94
N1 AMP K . 2.55 21.05 14.09
C2 AMP K . 1.90 21.63 13.06
N3 AMP K . 2.33 21.62 11.79
C4 AMP K . 3.49 21.00 11.46
PB GDP L . 8.68 8.78 19.18
O1B GDP L . 7.26 9.16 18.88
O2B GDP L . 9.12 7.66 18.27
O3B GDP L . 8.76 8.31 20.61
O3A GDP L . 9.66 10.04 19.01
PA GDP L . 10.39 10.38 17.61
O1A GDP L . 9.42 10.39 16.46
O2A GDP L . 11.52 9.40 17.36
O5' GDP L . 10.97 11.85 17.89
C5' GDP L . 10.07 12.95 18.06
C4' GDP L . 10.84 14.26 18.04
O4' GDP L . 11.91 14.22 18.97
C3' GDP L . 11.45 14.52 16.66
O3' GDP L . 11.27 15.88 16.30
C2' GDP L . 12.92 14.23 16.85
O2' GDP L . 13.70 15.08 16.01
C1' GDP L . 13.14 14.54 18.32
N9 GDP L . 14.27 13.75 18.89
C8 GDP L . 14.36 12.41 18.98
N7 GDP L . 15.52 12.04 19.57
C5 GDP L . 16.19 13.17 19.89
C6 GDP L . 17.48 13.50 20.54
O6 GDP L . 18.25 12.60 20.95
N1 GDP L . 17.79 14.79 20.68
C2 GDP L . 16.99 15.77 20.25
N2 GDP L . 17.39 17.06 20.43
N3 GDP L . 15.79 15.54 19.65
C4 GDP L . 15.35 14.28 19.45
MG MG M . 7.87 6.72 16.90
S SO4 N . 6.06 17.71 30.08
O1 SO4 N . 6.45 16.95 31.26
O2 SO4 N . 5.95 19.13 30.42
O3 SO4 N . 7.07 17.54 29.03
O4 SO4 N . 4.77 17.24 29.59
#